data_6Z7Z
#
_entry.id   6Z7Z
#
_cell.length_a   109.670
_cell.length_b   171.550
_cell.length_c   83.170
_cell.angle_alpha   90.000
_cell.angle_beta   135.886
_cell.angle_gamma   90.000
#
_symmetry.space_group_name_H-M   'C 1 2 1'
#
loop_
_entity.id
_entity.type
_entity.pdbx_description
1 polymer 'OXI-005 Fab Light chain'
2 polymer 'OXI-005 Fab Heavy chain'
3 polymer Insulin
4 polymer Insulin
5 non-polymer 'MAGNESIUM ION'
6 water water
#
loop_
_entity_poly.entity_id
_entity_poly.type
_entity_poly.pdbx_seq_one_letter_code
_entity_poly.pdbx_strand_id
1 'polypeptide(L)'
;DIQMTQSPSSLSASLGGRVTITCKASQDINKYLAWYQHKPGKGPRLLIHYTSTLQPGIPSRFSGSGSGRDYSFSISNLEP
EDVATYYCLQYDSLLSFGAGTKLELKRADAAPTVSIFPPSSEQLTSGGASVVCFLNNFYPKDINVKWKIDGSERQNGVLN
SWTDQDSKDSTYSMSSTLTLTKDEYERHNSYTCEATHKTSTSPIVKSFNRNEC
;
A,C
2 'polypeptide(L)'
;EVQLVESGGGLVKPGGSLKLSCTASGFAFSDYDMSWVRQTPEKRLEWVAFISNGGYSTYYPDTVKGRFTISRDNAENTLY
LQMSSLKSEDTAIYYCARQGLRYFDYWGLGTTLTVSSAKTTPPSVYPLAPGSAAQTNSMVTLGCLVKGYFPEPVTVTWNS
GSLSSGVHTFPAVLQSDLYTLSSSVTVPSSTWPSETVTCNVAHPASSTKVDKKIVPRDCG
;
B,D
3 'polypeptide(L)' GIVEQCCTSICSLYQLENYCN E,G
4 'polypeptide(L)' FVNQHLCGSHLVEALYLVCGERGFFYTPKA F,H
#
loop_
_chem_comp.id
_chem_comp.type
_chem_comp.name
_chem_comp.formula
MG non-polymer 'MAGNESIUM ION' 'Mg 2'
#
# COMPACT_ATOMS: atom_id res chain seq x y z
N ASP A 1 3.50 -24.64 -33.26
CA ASP A 1 4.80 -23.97 -33.28
C ASP A 1 5.91 -24.99 -33.52
N ILE A 2 7.09 -24.66 -33.01
CA ILE A 2 8.16 -25.63 -32.83
C ILE A 2 8.17 -25.96 -31.36
N GLN A 3 8.17 -27.26 -31.03
CA GLN A 3 8.20 -27.69 -29.65
C GLN A 3 9.63 -28.07 -29.27
N MET A 4 10.12 -27.47 -28.18
CA MET A 4 11.42 -27.82 -27.62
C MET A 4 11.21 -28.81 -26.49
N THR A 5 11.83 -29.98 -26.61
CA THR A 5 11.84 -30.96 -25.52
C THR A 5 13.21 -30.91 -24.85
N GLN A 6 13.23 -30.52 -23.58
CA GLN A 6 14.46 -30.33 -22.84
C GLN A 6 14.59 -31.42 -21.77
N SER A 7 15.79 -31.97 -21.64
CA SER A 7 16.06 -33.11 -20.79
C SER A 7 17.46 -33.03 -20.23
N PRO A 8 17.68 -33.43 -18.96
CA PRO A 8 16.61 -33.85 -18.04
C PRO A 8 15.95 -32.63 -17.41
N SER A 9 14.84 -32.81 -16.69
CA SER A 9 14.20 -31.66 -16.08
C SER A 9 14.92 -31.18 -14.83
N SER A 10 15.67 -32.07 -14.18
CA SER A 10 16.48 -31.72 -13.01
C SER A 10 17.78 -32.49 -13.06
N LEU A 11 18.80 -31.95 -12.40
CA LEU A 11 20.14 -32.48 -12.55
C LEU A 11 20.98 -32.12 -11.34
N SER A 12 21.70 -33.10 -10.80
CA SER A 12 22.59 -32.89 -9.66
C SER A 12 24.03 -33.19 -10.05
N ALA A 13 24.94 -32.28 -9.72
CA ALA A 13 26.33 -32.40 -10.15
C ALA A 13 27.26 -32.02 -9.00
N SER A 14 28.51 -32.45 -9.12
CA SER A 14 29.50 -32.11 -8.12
C SER A 14 30.34 -30.93 -8.58
N LEU A 15 30.78 -30.12 -7.62
CA LEU A 15 31.61 -28.98 -7.95
C LEU A 15 32.82 -29.43 -8.75
N GLY A 16 33.08 -28.74 -9.85
CA GLY A 16 34.19 -29.06 -10.71
C GLY A 16 33.90 -30.07 -11.80
N GLY A 17 32.75 -30.72 -11.76
CA GLY A 17 32.40 -31.72 -12.75
C GLY A 17 31.81 -31.14 -14.03
N ARG A 18 31.20 -32.03 -14.81
CA ARG A 18 30.62 -31.67 -16.09
C ARG A 18 29.15 -32.06 -16.13
N VAL A 19 28.35 -31.26 -16.84
CA VAL A 19 26.92 -31.50 -16.98
C VAL A 19 26.55 -31.23 -18.42
N THR A 20 25.58 -31.99 -18.93
CA THR A 20 25.13 -31.88 -20.31
C THR A 20 23.62 -31.90 -20.37
N ILE A 21 23.05 -30.91 -21.05
CA ILE A 21 21.61 -30.75 -21.19
C ILE A 21 21.28 -30.90 -22.66
N THR A 22 20.07 -31.41 -22.93
CA THR A 22 19.65 -31.71 -24.28
C THR A 22 18.36 -30.97 -24.59
N CYS A 23 18.24 -30.53 -25.86
CA CYS A 23 17.00 -29.97 -26.37
C CYS A 23 16.75 -30.60 -27.73
N LYS A 24 15.60 -31.23 -27.89
CA LYS A 24 15.16 -31.76 -29.17
C LYS A 24 14.04 -30.90 -29.72
N ALA A 25 14.21 -30.44 -30.95
CA ALA A 25 13.19 -29.65 -31.64
C ALA A 25 12.23 -30.58 -32.36
N SER A 26 10.99 -30.11 -32.54
CA SER A 26 10.00 -30.89 -33.28
C SER A 26 10.25 -30.86 -34.79
N GLN A 27 11.05 -29.90 -35.30
CA GLN A 27 11.50 -29.81 -36.69
C GLN A 27 12.94 -29.31 -36.70
N ASP A 28 13.56 -29.33 -37.89
CA ASP A 28 14.86 -28.69 -38.07
C ASP A 28 14.75 -27.22 -37.69
N ILE A 29 15.72 -26.72 -36.91
CA ILE A 29 15.70 -25.31 -36.51
C ILE A 29 16.99 -24.59 -36.90
N ASN A 30 17.83 -25.24 -37.73
CA ASN A 30 18.89 -24.57 -38.50
C ASN A 30 19.84 -23.80 -37.59
N LYS A 31 20.15 -24.40 -36.43
CA LYS A 31 21.13 -23.93 -35.46
C LYS A 31 20.70 -22.66 -34.74
N TYR A 32 19.47 -22.19 -34.94
CA TYR A 32 18.98 -20.97 -34.30
C TYR A 32 18.39 -21.37 -32.93
N LEU A 33 19.30 -21.58 -31.99
CA LEU A 33 18.99 -22.00 -30.64
C LEU A 33 19.83 -21.18 -29.68
N ALA A 34 19.18 -20.61 -28.67
CA ALA A 34 19.87 -19.87 -27.61
C ALA A 34 19.72 -20.60 -26.27
N TRP A 35 20.63 -20.30 -25.35
CA TRP A 35 20.61 -20.89 -24.01
C TRP A 35 20.65 -19.80 -22.93
N TYR A 36 19.77 -19.91 -21.93
CA TYR A 36 19.68 -18.94 -20.84
C TYR A 36 19.83 -19.62 -19.48
N GLN A 37 20.52 -18.90 -18.59
CA GLN A 37 20.64 -19.27 -17.18
C GLN A 37 19.72 -18.37 -16.36
N HIS A 38 18.91 -18.96 -15.48
CA HIS A 38 17.94 -18.23 -14.67
C HIS A 38 18.04 -18.60 -13.21
N LYS A 39 18.37 -17.67 -12.41
CA LYS A 39 18.48 -17.85 -10.97
C LYS A 39 17.29 -17.22 -10.24
N PRO A 40 16.93 -17.78 -9.07
CA PRO A 40 15.79 -17.22 -8.32
C PRO A 40 16.00 -15.75 -8.00
N GLY A 41 14.95 -14.96 -8.19
CA GLY A 41 14.96 -13.55 -7.89
C GLY A 41 15.69 -12.67 -8.87
N LYS A 42 16.37 -13.23 -9.86
CA LYS A 42 17.01 -12.42 -10.89
C LYS A 42 16.30 -12.66 -12.21
N GLY A 43 16.73 -11.92 -13.23
CA GLY A 43 16.20 -12.13 -14.55
C GLY A 43 17.10 -13.07 -15.33
N PRO A 44 16.52 -13.78 -16.31
CA PRO A 44 17.31 -14.67 -17.15
C PRO A 44 18.52 -13.96 -17.75
N ARG A 45 19.56 -14.75 -18.06
CA ARG A 45 20.83 -14.23 -18.58
C ARG A 45 21.27 -15.05 -19.78
N LEU A 46 21.37 -14.41 -20.94
CA LEU A 46 21.69 -15.13 -22.17
C LEU A 46 23.12 -15.66 -22.11
N LEU A 47 23.30 -16.93 -22.46
CA LEU A 47 24.59 -17.58 -22.43
C LEU A 47 25.13 -17.85 -23.82
N ILE A 48 24.36 -18.55 -24.65
CA ILE A 48 24.78 -18.96 -25.98
C ILE A 48 23.68 -18.58 -26.96
N HIS A 49 24.09 -18.09 -28.12
CA HIS A 49 23.20 -17.95 -29.27
C HIS A 49 23.78 -18.74 -30.43
N TYR A 50 22.94 -18.98 -31.43
CA TYR A 50 23.30 -19.70 -32.65
C TYR A 50 24.07 -20.98 -32.31
N THR A 51 23.41 -21.82 -31.52
CA THR A 51 23.87 -23.15 -31.14
C THR A 51 25.09 -23.15 -30.24
N SER A 52 26.15 -22.41 -30.59
CA SER A 52 27.39 -22.52 -29.83
C SER A 52 28.16 -21.21 -29.69
N THR A 53 27.59 -20.08 -30.08
CA THR A 53 28.28 -18.80 -29.98
C THR A 53 28.02 -18.18 -28.60
N LEU A 54 29.08 -18.07 -27.81
CA LEU A 54 28.97 -17.47 -26.49
C LEU A 54 28.67 -15.98 -26.60
N GLN A 55 27.79 -15.50 -25.72
CA GLN A 55 27.67 -14.07 -25.55
C GLN A 55 28.97 -13.52 -24.99
N PRO A 56 29.36 -12.30 -25.37
CA PRO A 56 30.56 -11.70 -24.77
C PRO A 56 30.40 -11.60 -23.27
N GLY A 57 31.48 -11.95 -22.55
CA GLY A 57 31.52 -11.97 -21.11
C GLY A 57 31.34 -13.34 -20.49
N ILE A 58 30.69 -14.26 -21.18
CA ILE A 58 30.31 -15.54 -20.58
C ILE A 58 31.55 -16.43 -20.47
N PRO A 59 31.79 -17.06 -19.33
CA PRO A 59 32.97 -17.93 -19.21
C PRO A 59 32.97 -19.05 -20.24
N SER A 60 34.17 -19.33 -20.77
CA SER A 60 34.37 -20.36 -21.78
C SER A 60 33.93 -21.75 -21.31
N ARG A 61 33.82 -21.99 -20.00
CA ARG A 61 33.36 -23.28 -19.50
C ARG A 61 31.92 -23.58 -19.90
N PHE A 62 31.25 -22.63 -20.56
CA PHE A 62 29.95 -22.89 -21.13
C PHE A 62 30.13 -23.21 -22.60
N SER A 63 29.31 -24.13 -23.12
CA SER A 63 29.37 -24.42 -24.54
C SER A 63 28.08 -25.11 -24.95
N GLY A 64 27.83 -25.08 -26.27
CA GLY A 64 26.67 -25.72 -26.84
C GLY A 64 27.05 -26.32 -28.17
N SER A 65 26.16 -27.11 -28.73
CA SER A 65 26.44 -27.74 -30.01
C SER A 65 25.15 -28.36 -30.53
N GLY A 66 25.19 -28.76 -31.80
CA GLY A 66 24.04 -29.42 -32.39
C GLY A 66 23.73 -28.98 -33.80
N SER A 67 22.68 -29.53 -34.38
CA SER A 67 22.19 -29.20 -35.72
C SER A 67 20.90 -29.96 -35.95
N GLY A 68 20.22 -29.61 -37.04
CA GLY A 68 18.96 -30.25 -37.35
C GLY A 68 17.97 -30.07 -36.23
N ARG A 69 17.81 -31.12 -35.40
CA ARG A 69 16.86 -31.11 -34.31
C ARG A 69 17.48 -31.45 -32.97
N ASP A 70 18.77 -31.71 -32.90
CA ASP A 70 19.36 -32.26 -31.69
C ASP A 70 20.48 -31.34 -31.22
N TYR A 71 20.27 -30.71 -30.07
CA TYR A 71 21.24 -29.80 -29.53
C TYR A 71 21.56 -30.14 -28.09
N SER A 72 22.70 -29.65 -27.63
CA SER A 72 23.15 -29.96 -26.28
C SER A 72 23.95 -28.78 -25.74
N PHE A 73 23.81 -28.54 -24.45
CA PHE A 73 24.52 -27.49 -23.74
C PHE A 73 25.32 -28.13 -22.62
N SER A 74 26.45 -27.53 -22.27
CA SER A 74 27.38 -28.19 -21.38
C SER A 74 28.04 -27.16 -20.48
N ILE A 75 28.29 -27.56 -19.23
CA ILE A 75 29.09 -26.79 -18.29
C ILE A 75 30.28 -27.64 -17.93
N SER A 76 31.47 -27.12 -18.23
CA SER A 76 32.72 -27.67 -17.73
C SER A 76 33.10 -26.98 -16.43
N ASN A 77 33.74 -27.72 -15.53
CA ASN A 77 34.27 -27.18 -14.26
C ASN A 77 33.18 -26.44 -13.49
N LEU A 78 32.16 -27.19 -13.09
CA LEU A 78 30.97 -26.58 -12.49
C LEU A 78 31.35 -25.75 -11.27
N GLU A 79 30.89 -24.50 -11.26
CA GLU A 79 31.15 -23.56 -10.18
C GLU A 79 29.88 -23.30 -9.36
N PRO A 80 30.02 -22.84 -8.12
CA PRO A 80 28.81 -22.63 -7.30
C PRO A 80 27.84 -21.63 -7.89
N GLU A 81 28.32 -20.58 -8.56
CA GLU A 81 27.44 -19.66 -9.28
C GLU A 81 26.58 -20.36 -10.34
N ASP A 82 26.98 -21.53 -10.82
CA ASP A 82 26.24 -22.21 -11.89
C ASP A 82 24.96 -22.89 -11.44
N VAL A 83 24.67 -22.99 -10.14
CA VAL A 83 23.40 -23.61 -9.76
C VAL A 83 22.29 -22.64 -10.13
N ALA A 84 21.37 -23.10 -10.98
CA ALA A 84 20.33 -22.27 -11.57
C ALA A 84 19.41 -23.12 -12.42
N THR A 85 18.43 -22.50 -13.06
CA THR A 85 17.66 -23.19 -14.06
C THR A 85 18.10 -22.69 -15.43
N TYR A 86 18.31 -23.62 -16.35
CA TYR A 86 18.78 -23.34 -17.69
C TYR A 86 17.64 -23.64 -18.67
N TYR A 87 17.52 -22.80 -19.69
CA TYR A 87 16.47 -22.97 -20.69
C TYR A 87 17.08 -22.82 -22.07
N CYS A 88 16.67 -23.68 -22.99
CA CYS A 88 16.91 -23.40 -24.39
C CYS A 88 15.75 -22.63 -25.00
N LEU A 89 16.05 -21.94 -26.12
CA LEU A 89 15.07 -21.22 -26.91
C LEU A 89 15.37 -21.38 -28.41
N GLN A 90 14.42 -21.90 -29.15
CA GLN A 90 14.54 -21.90 -30.60
C GLN A 90 13.94 -20.60 -31.12
N TYR A 91 14.64 -19.98 -32.05
CA TYR A 91 14.18 -18.73 -32.66
C TYR A 91 14.27 -18.79 -34.18
N ASP A 92 14.24 -19.99 -34.77
CA ASP A 92 14.20 -20.18 -36.22
C ASP A 92 12.81 -19.86 -36.77
N SER A 93 11.77 -20.41 -36.13
CA SER A 93 10.38 -20.13 -36.48
C SER A 93 9.69 -19.53 -35.25
N LEU A 94 9.37 -18.24 -35.32
CA LEU A 94 8.91 -17.46 -34.15
C LEU A 94 9.87 -17.73 -33.00
N LEU A 95 9.37 -18.08 -31.81
CA LEU A 95 10.14 -18.30 -30.60
C LEU A 95 9.45 -19.40 -29.82
N SER A 96 10.23 -20.32 -29.25
CA SER A 96 9.68 -21.24 -28.26
C SER A 96 10.79 -21.70 -27.30
N PHE A 97 10.42 -21.82 -26.03
CA PHE A 97 11.35 -22.21 -24.96
C PHE A 97 11.25 -23.70 -24.64
N GLY A 98 12.37 -24.25 -24.17
CA GLY A 98 12.34 -25.53 -23.50
C GLY A 98 11.78 -25.42 -22.09
N ALA A 99 11.43 -26.58 -21.50
CA ALA A 99 10.82 -26.57 -20.18
C ALA A 99 11.83 -26.30 -19.06
N GLY A 100 13.11 -26.43 -19.34
CA GLY A 100 14.02 -26.03 -18.29
C GLY A 100 14.69 -27.24 -17.61
N THR A 101 15.90 -27.01 -17.12
CA THR A 101 16.66 -28.00 -16.38
C THR A 101 17.11 -27.35 -15.09
N LYS A 102 16.67 -27.91 -13.96
CA LYS A 102 17.12 -27.40 -12.69
C LYS A 102 18.44 -28.06 -12.35
N LEU A 103 19.44 -27.25 -12.04
CA LEU A 103 20.80 -27.71 -11.82
C LEU A 103 21.15 -27.50 -10.34
N GLU A 104 21.32 -28.62 -9.63
CA GLU A 104 21.59 -28.65 -8.19
C GLU A 104 22.94 -29.31 -7.92
N LEU A 105 23.39 -29.14 -6.68
CA LEU A 105 24.68 -29.63 -6.23
C LEU A 105 24.57 -31.06 -5.75
N LYS A 106 25.62 -31.84 -6.00
CA LYS A 106 25.75 -33.13 -5.36
C LYS A 106 26.47 -32.95 -4.03
N ARG A 107 26.08 -33.75 -3.04
CA ARG A 107 26.72 -33.67 -1.74
C ARG A 107 26.62 -35.02 -1.03
N ALA A 108 27.47 -35.10 0.04
CA ALA A 108 27.46 -36.31 0.84
C ALA A 108 26.11 -36.47 1.51
N ASP A 109 25.60 -37.71 1.52
CA ASP A 109 24.36 -37.99 2.22
C ASP A 109 24.42 -37.50 3.66
N ALA A 110 23.32 -36.94 4.12
CA ALA A 110 23.22 -36.35 5.45
C ALA A 110 21.85 -36.69 6.01
N ALA A 111 21.80 -36.88 7.33
CA ALA A 111 20.51 -37.25 7.87
C ALA A 111 19.73 -36.02 8.33
N PRO A 112 18.40 -36.10 8.35
CA PRO A 112 17.61 -34.98 8.84
C PRO A 112 17.72 -34.81 10.35
N THR A 113 17.78 -33.55 10.78
CA THR A 113 17.52 -33.20 12.16
C THR A 113 16.02 -32.91 12.29
N VAL A 114 15.34 -33.68 13.15
CA VAL A 114 13.89 -33.64 13.28
C VAL A 114 13.54 -32.95 14.59
N SER A 115 12.67 -31.93 14.52
CA SER A 115 12.20 -31.21 15.70
C SER A 115 10.69 -31.04 15.62
N ILE A 116 10.01 -31.22 16.76
CA ILE A 116 8.56 -31.27 16.85
C ILE A 116 8.06 -30.13 17.72
N PHE A 117 6.85 -29.63 17.42
CA PHE A 117 6.31 -28.45 18.09
C PHE A 117 4.80 -28.54 18.30
N PRO A 118 4.33 -28.54 19.55
CA PRO A 118 2.88 -28.50 19.81
C PRO A 118 2.32 -27.13 19.43
N PRO A 119 1.00 -27.03 19.24
CA PRO A 119 0.41 -25.71 19.00
C PRO A 119 0.65 -24.78 20.17
N SER A 120 0.85 -23.52 19.83
CA SER A 120 1.13 -22.51 20.83
C SER A 120 -0.14 -22.02 21.51
N SER A 121 0.09 -21.52 22.71
CA SER A 121 -0.90 -20.90 23.56
C SER A 121 -1.65 -19.81 22.79
N GLU A 122 -0.96 -19.14 21.86
CA GLU A 122 -1.52 -18.11 20.97
C GLU A 122 -2.55 -18.69 19.98
N GLN A 123 -2.29 -19.88 19.43
CA GLN A 123 -3.20 -20.39 18.41
C GLN A 123 -4.45 -21.03 18.98
N LEU A 124 -4.34 -21.75 20.10
CA LEU A 124 -5.50 -22.47 20.62
C LEU A 124 -6.61 -21.52 21.09
N THR A 125 -6.22 -20.35 21.64
CA THR A 125 -7.21 -19.30 21.90
C THR A 125 -8.05 -19.01 20.65
N SER A 126 -7.39 -18.69 19.54
CA SER A 126 -8.02 -18.56 18.23
C SER A 126 -9.00 -19.69 17.95
N GLY A 127 -8.76 -20.88 18.51
CA GLY A 127 -9.60 -22.02 18.24
C GLY A 127 -9.04 -23.06 17.28
N GLY A 128 -7.73 -23.11 17.09
CA GLY A 128 -7.12 -24.12 16.25
C GLY A 128 -5.89 -24.68 16.91
N ALA A 129 -5.37 -25.76 16.32
CA ALA A 129 -4.15 -26.39 16.79
C ALA A 129 -3.34 -26.83 15.59
N SER A 130 -2.10 -26.38 15.52
CA SER A 130 -1.18 -26.79 14.47
C SER A 130 0.08 -27.41 15.09
N VAL A 131 0.32 -28.68 14.76
CA VAL A 131 1.54 -29.38 15.15
C VAL A 131 2.51 -29.31 13.99
N VAL A 132 3.74 -28.88 14.24
CA VAL A 132 4.70 -28.65 13.18
C VAL A 132 5.94 -29.53 13.41
N CYS A 133 6.53 -29.99 12.30
CA CYS A 133 7.71 -30.84 12.32
C CYS A 133 8.67 -30.38 11.25
N PHE A 134 9.91 -30.10 11.63
CA PHE A 134 10.96 -29.72 10.69
C PHE A 134 11.85 -30.93 10.41
N LEU A 135 12.07 -31.21 9.13
CA LEU A 135 13.05 -32.21 8.70
C LEU A 135 14.13 -31.42 7.99
N ASN A 136 15.13 -30.99 8.74
CA ASN A 136 16.04 -29.96 8.28
C ASN A 136 17.40 -30.55 7.90
N ASN A 137 17.96 -30.03 6.82
CA ASN A 137 19.37 -30.19 6.46
C ASN A 137 19.74 -31.66 6.23
N PHE A 138 19.05 -32.27 5.25
CA PHE A 138 19.28 -33.64 4.84
C PHE A 138 19.58 -33.70 3.35
N TYR A 139 20.02 -34.87 2.88
CA TYR A 139 20.34 -35.14 1.47
C TYR A 139 20.28 -36.63 1.19
N PRO A 140 19.69 -37.07 0.07
CA PRO A 140 19.16 -36.27 -1.04
C PRO A 140 17.79 -35.67 -0.75
N LYS A 141 17.24 -34.97 -1.74
CA LYS A 141 16.04 -34.13 -1.57
C LYS A 141 14.85 -34.93 -1.09
N ASP A 142 14.84 -36.20 -1.46
CA ASP A 142 13.65 -36.98 -1.50
C ASP A 142 13.46 -37.60 -0.10
N ILE A 143 12.24 -37.50 0.46
CA ILE A 143 12.06 -37.89 1.86
C ILE A 143 10.58 -38.19 2.11
N ASN A 144 10.27 -38.81 3.25
CA ASN A 144 8.89 -39.18 3.59
C ASN A 144 8.59 -38.89 5.05
N VAL A 145 7.35 -38.43 5.31
CA VAL A 145 6.89 -38.07 6.65
C VAL A 145 5.64 -38.87 6.98
N LYS A 146 5.56 -39.36 8.21
CA LYS A 146 4.41 -40.10 8.68
C LYS A 146 4.05 -39.56 10.06
N TRP A 147 2.78 -39.18 10.23
CA TRP A 147 2.30 -38.63 11.49
C TRP A 147 1.61 -39.74 12.29
N LYS A 148 1.91 -39.79 13.59
CA LYS A 148 1.24 -40.70 14.52
C LYS A 148 0.74 -39.92 15.72
N ILE A 149 -0.51 -40.19 16.12
CA ILE A 149 -1.07 -39.64 17.36
C ILE A 149 -1.81 -40.74 18.08
N ASP A 150 -1.36 -41.08 19.29
CA ASP A 150 -1.88 -42.22 20.05
C ASP A 150 -1.76 -43.51 19.24
N GLY A 151 -0.62 -43.69 18.57
CA GLY A 151 -0.38 -44.86 17.75
C GLY A 151 -1.10 -44.83 16.40
N SER A 152 -2.20 -44.09 16.32
CA SER A 152 -2.91 -43.93 15.06
C SER A 152 -2.10 -43.06 14.09
N GLU A 153 -1.69 -43.64 12.97
CA GLU A 153 -1.23 -42.82 11.86
C GLU A 153 -2.42 -42.19 11.18
N ARG A 154 -2.41 -40.87 11.08
CA ARG A 154 -3.51 -40.16 10.43
C ARG A 154 -3.00 -39.19 9.38
N GLN A 155 -3.82 -39.01 8.34
CA GLN A 155 -3.48 -38.30 7.12
C GLN A 155 -4.24 -36.99 6.93
N ASN A 156 -5.55 -36.93 7.13
CA ASN A 156 -6.19 -35.67 6.74
C ASN A 156 -5.75 -34.52 7.61
N GLY A 157 -5.82 -33.34 7.00
CA GLY A 157 -5.51 -32.10 7.67
C GLY A 157 -4.04 -31.81 7.70
N VAL A 158 -3.24 -32.58 6.97
CA VAL A 158 -1.81 -32.37 6.81
C VAL A 158 -1.57 -31.80 5.42
N LEU A 159 -0.68 -30.82 5.32
CA LEU A 159 -0.05 -30.56 4.04
C LEU A 159 1.39 -30.10 4.28
N ASN A 160 2.27 -30.50 3.36
CA ASN A 160 3.70 -30.40 3.54
C ASN A 160 4.32 -29.65 2.36
N SER A 161 5.45 -28.99 2.63
CA SER A 161 6.13 -28.18 1.63
C SER A 161 7.64 -28.35 1.76
N TRP A 162 8.33 -28.18 0.63
CA TRP A 162 9.74 -28.54 0.47
C TRP A 162 10.58 -27.33 0.14
N THR A 163 11.73 -27.24 0.79
CA THR A 163 12.75 -26.26 0.46
C THR A 163 13.44 -26.63 -0.86
N ASP A 164 14.03 -25.63 -1.51
CA ASP A 164 15.01 -25.87 -2.55
C ASP A 164 16.37 -26.13 -1.92
N GLN A 165 17.34 -26.53 -2.73
CA GLN A 165 18.63 -26.86 -2.16
C GLN A 165 19.15 -25.68 -1.34
N ASP A 166 19.47 -25.94 -0.07
CA ASP A 166 20.05 -24.92 0.78
C ASP A 166 21.42 -24.52 0.27
N SER A 167 21.73 -23.24 0.34
CA SER A 167 22.97 -22.73 -0.22
C SER A 167 24.15 -22.80 0.74
N LYS A 168 23.92 -23.11 2.03
CA LYS A 168 25.01 -23.21 2.99
C LYS A 168 25.60 -24.62 2.99
N ASP A 169 24.79 -25.62 3.28
CA ASP A 169 25.28 -26.99 3.39
C ASP A 169 24.85 -27.85 2.20
N SER A 170 24.27 -27.24 1.16
CA SER A 170 23.79 -27.97 -0.02
C SER A 170 22.86 -29.11 0.38
N THR A 171 22.14 -28.94 1.45
CA THR A 171 21.12 -29.89 1.89
C THR A 171 19.73 -29.39 1.51
N TYR A 172 18.75 -30.27 1.68
CA TYR A 172 17.35 -29.92 1.52
C TYR A 172 16.69 -29.93 2.88
N SER A 173 15.53 -29.32 2.96
CA SER A 173 14.76 -29.30 4.19
C SER A 173 13.30 -29.48 3.82
N MET A 174 12.49 -29.72 4.84
CA MET A 174 11.12 -30.16 4.59
C MET A 174 10.26 -29.78 5.79
N SER A 175 9.10 -29.21 5.51
CA SER A 175 8.15 -28.81 6.55
C SER A 175 6.94 -29.73 6.53
N SER A 176 6.56 -30.22 7.72
CA SER A 176 5.39 -31.08 7.92
C SER A 176 4.49 -30.42 8.96
N THR A 177 3.31 -29.97 8.53
CA THR A 177 2.36 -29.34 9.45
C THR A 177 1.05 -30.11 9.40
N LEU A 178 0.70 -30.74 10.52
CA LEU A 178 -0.61 -31.34 10.75
C LEU A 178 -1.48 -30.35 11.49
N THR A 179 -2.66 -30.06 10.95
CA THR A 179 -3.55 -29.06 11.52
C THR A 179 -4.88 -29.69 11.90
N LEU A 180 -5.33 -29.40 13.12
CA LEU A 180 -6.63 -29.83 13.60
C LEU A 180 -7.34 -28.66 14.27
N THR A 181 -8.62 -28.85 14.54
CA THR A 181 -9.42 -27.90 15.30
C THR A 181 -9.00 -27.89 16.77
N LYS A 182 -9.36 -26.80 17.45
CA LYS A 182 -9.15 -26.63 18.88
C LYS A 182 -9.47 -27.83 19.76
N ASP A 183 -10.42 -28.69 19.37
CA ASP A 183 -10.87 -29.74 20.26
C ASP A 183 -10.46 -31.16 19.86
N GLU A 184 -10.15 -31.42 18.59
CA GLU A 184 -9.54 -32.71 18.27
C GLU A 184 -8.11 -32.81 18.79
N TYR A 185 -7.44 -31.67 19.00
CA TYR A 185 -6.12 -31.70 19.62
C TYR A 185 -6.19 -32.19 21.06
N GLU A 186 -7.10 -31.60 21.85
CA GLU A 186 -7.18 -31.92 23.28
C GLU A 186 -7.78 -33.30 23.54
N ARG A 187 -8.55 -33.82 22.58
CA ARG A 187 -9.01 -35.20 22.60
C ARG A 187 -7.89 -36.20 22.92
N HIS A 188 -6.83 -36.20 22.10
CA HIS A 188 -5.78 -37.22 22.12
C HIS A 188 -4.57 -36.69 22.87
N ASN A 189 -3.50 -37.50 22.96
CA ASN A 189 -2.36 -37.12 23.81
C ASN A 189 -0.99 -37.24 23.16
N SER A 190 -0.67 -38.32 22.46
CA SER A 190 0.71 -38.57 22.05
C SER A 190 0.87 -38.28 20.56
N TYR A 191 1.69 -37.29 20.23
CA TYR A 191 1.83 -36.75 18.89
C TYR A 191 3.23 -37.02 18.36
N THR A 192 3.32 -37.62 17.17
CA THR A 192 4.59 -38.09 16.62
C THR A 192 4.69 -37.85 15.12
N CYS A 193 5.77 -37.18 14.69
CA CYS A 193 6.21 -37.21 13.30
C CYS A 193 7.43 -38.13 13.17
N GLU A 194 7.33 -39.13 12.29
CA GLU A 194 8.47 -39.97 11.95
C GLU A 194 9.04 -39.58 10.58
N ALA A 195 10.35 -39.34 10.53
CA ALA A 195 11.05 -38.97 9.32
C ALA A 195 11.88 -40.15 8.84
N THR A 196 11.53 -40.69 7.67
CA THR A 196 12.21 -41.83 7.07
C THR A 196 12.97 -41.37 5.84
N HIS A 197 14.28 -41.63 5.83
CA HIS A 197 15.20 -41.10 4.83
C HIS A 197 16.16 -42.21 4.43
N LYS A 198 16.59 -42.23 3.17
CA LYS A 198 17.41 -43.34 2.70
C LYS A 198 18.76 -43.41 3.40
N THR A 199 19.16 -42.33 4.08
CA THR A 199 20.33 -42.38 4.95
C THR A 199 20.22 -43.52 5.97
N SER A 200 19.01 -43.86 6.37
CA SER A 200 18.73 -44.61 7.58
C SER A 200 17.61 -45.58 7.30
N THR A 201 17.82 -46.83 7.71
CA THR A 201 16.71 -47.78 7.64
C THR A 201 15.63 -47.40 8.67
N SER A 202 16.04 -47.20 9.93
CA SER A 202 15.15 -46.70 10.97
C SER A 202 14.57 -45.33 10.60
N PRO A 203 13.30 -45.08 10.88
CA PRO A 203 12.80 -43.70 10.80
C PRO A 203 13.24 -42.92 12.02
N ILE A 204 13.50 -41.63 11.81
CA ILE A 204 13.83 -40.73 12.90
C ILE A 204 12.52 -40.27 13.54
N VAL A 205 12.29 -40.70 14.76
CA VAL A 205 11.04 -40.44 15.46
C VAL A 205 11.29 -39.37 16.50
N LYS A 206 10.41 -38.37 16.54
CA LYS A 206 10.41 -37.39 17.61
C LYS A 206 8.97 -37.16 18.00
N SER A 207 8.72 -37.00 19.30
CA SER A 207 7.35 -37.04 19.81
C SER A 207 7.26 -36.26 21.11
N PHE A 208 6.02 -36.04 21.56
CA PHE A 208 5.73 -35.42 22.85
C PHE A 208 4.39 -35.92 23.36
N ASN A 209 4.16 -35.75 24.65
CA ASN A 209 2.97 -36.24 25.34
C ASN A 209 1.96 -35.08 25.50
N ARG A 210 1.38 -34.88 26.68
CA ARG A 210 0.55 -33.73 26.98
C ARG A 210 1.39 -32.56 27.49
N ASN A 211 2.65 -32.50 27.09
CA ASN A 211 3.60 -31.48 27.56
C ASN A 211 4.69 -31.25 26.53
N GLU B 1 26.19 -1.60 -19.25
CA GLU B 1 25.30 -0.96 -18.29
C GLU B 1 23.87 -0.92 -18.85
N VAL B 2 23.52 -1.95 -19.62
CA VAL B 2 22.13 -2.09 -20.05
C VAL B 2 21.26 -2.41 -18.84
N GLN B 3 20.20 -1.64 -18.66
CA GLN B 3 19.31 -1.87 -17.53
C GLN B 3 17.85 -1.90 -17.98
N LEU B 4 17.10 -2.84 -17.43
CA LEU B 4 15.66 -2.91 -17.64
C LEU B 4 14.97 -3.09 -16.29
N VAL B 5 14.10 -2.16 -15.94
CA VAL B 5 13.44 -2.14 -14.65
C VAL B 5 11.94 -2.19 -14.88
N GLU B 6 11.34 -3.34 -14.61
CA GLU B 6 9.89 -3.48 -14.63
C GLU B 6 9.27 -2.90 -13.36
N SER B 7 7.99 -2.60 -13.44
CA SER B 7 7.26 -2.01 -12.33
C SER B 7 5.78 -2.10 -12.63
N GLY B 8 4.98 -1.99 -11.58
CA GLY B 8 3.55 -1.94 -11.71
C GLY B 8 2.83 -3.22 -11.30
N GLY B 9 3.57 -4.30 -11.05
CA GLY B 9 2.92 -5.54 -10.64
C GLY B 9 2.10 -5.38 -9.36
N GLY B 10 1.15 -6.27 -9.18
CA GLY B 10 0.29 -6.19 -8.02
C GLY B 10 -0.77 -7.26 -8.11
N LEU B 11 -1.73 -7.22 -7.19
CA LEU B 11 -2.83 -8.17 -7.17
C LEU B 11 -4.04 -7.56 -7.86
N VAL B 12 -4.72 -8.36 -8.69
CA VAL B 12 -5.90 -7.89 -9.41
C VAL B 12 -6.95 -8.98 -9.38
N LYS B 13 -8.22 -8.57 -9.25
CA LYS B 13 -9.32 -9.52 -9.31
C LYS B 13 -9.51 -9.98 -10.75
N PRO B 14 -10.03 -11.20 -10.95
CA PRO B 14 -10.30 -11.65 -12.32
C PRO B 14 -11.20 -10.66 -13.06
N GLY B 15 -10.90 -10.45 -14.34
CA GLY B 15 -11.59 -9.45 -15.13
C GLY B 15 -11.07 -8.04 -14.98
N GLY B 16 -10.08 -7.81 -14.10
CA GLY B 16 -9.54 -6.49 -13.89
C GLY B 16 -8.45 -6.10 -14.88
N SER B 17 -7.91 -4.90 -14.67
CA SER B 17 -6.92 -4.29 -15.54
C SER B 17 -5.68 -3.90 -14.74
N LEU B 18 -4.56 -3.78 -15.44
CA LEU B 18 -3.29 -3.38 -14.86
C LEU B 18 -2.33 -3.01 -15.97
N LYS B 19 -1.57 -1.94 -15.77
CA LYS B 19 -0.57 -1.50 -16.74
C LYS B 19 0.82 -1.67 -16.13
N LEU B 20 1.61 -2.56 -16.72
CA LEU B 20 3.00 -2.72 -16.34
C LEU B 20 3.88 -1.76 -17.14
N SER B 21 4.97 -1.29 -16.50
CA SER B 21 5.95 -0.41 -17.14
C SER B 21 7.32 -1.08 -17.13
N CYS B 22 8.21 -0.58 -17.99
CA CYS B 22 9.58 -1.07 -18.06
C CYS B 22 10.50 0.05 -18.50
N THR B 23 11.47 0.37 -17.65
CA THR B 23 12.32 1.53 -17.82
C THR B 23 13.67 1.10 -18.38
N ALA B 24 14.03 1.63 -19.55
CA ALA B 24 15.26 1.22 -20.21
C ALA B 24 16.33 2.29 -20.01
N SER B 25 17.57 1.84 -19.88
CA SER B 25 18.72 2.75 -19.82
C SER B 25 19.97 1.97 -20.21
N GLY B 26 21.00 2.71 -20.57
CA GLY B 26 22.26 2.12 -20.93
C GLY B 26 22.40 1.69 -22.38
N PHE B 27 21.51 2.15 -23.26
CA PHE B 27 21.56 1.78 -24.67
C PHE B 27 20.54 2.59 -25.46
N ALA B 28 20.65 2.53 -26.79
CA ALA B 28 19.77 3.24 -27.69
C ALA B 28 18.44 2.49 -27.78
N PHE B 29 17.55 2.78 -26.83
CA PHE B 29 16.28 2.07 -26.70
C PHE B 29 15.47 2.07 -28.00
N SER B 30 15.42 3.21 -28.71
CA SER B 30 14.63 3.26 -29.94
C SER B 30 15.20 2.44 -31.10
N ASP B 31 16.39 1.84 -30.96
CA ASP B 31 16.85 0.91 -32.00
C ASP B 31 16.42 -0.53 -31.77
N TYR B 32 15.76 -0.87 -30.66
CA TYR B 32 15.61 -2.27 -30.26
C TYR B 32 14.15 -2.70 -30.24
N ASP B 33 13.84 -3.79 -30.95
CA ASP B 33 12.59 -4.50 -30.69
C ASP B 33 12.59 -5.02 -29.24
N MET B 34 11.39 -5.02 -28.63
CA MET B 34 11.24 -5.31 -27.21
C MET B 34 10.09 -6.29 -26.96
N SER B 35 10.25 -7.14 -25.95
CA SER B 35 9.21 -8.10 -25.63
C SER B 35 8.90 -8.13 -24.13
N TRP B 36 7.72 -8.64 -23.82
CA TRP B 36 7.36 -9.06 -22.47
C TRP B 36 7.31 -10.58 -22.46
N VAL B 37 8.04 -11.19 -21.52
CA VAL B 37 8.01 -12.64 -21.30
C VAL B 37 7.67 -12.89 -19.83
N ARG B 38 6.80 -13.85 -19.58
CA ARG B 38 6.42 -14.20 -18.22
C ARG B 38 6.90 -15.61 -17.82
N GLN B 39 7.08 -15.80 -16.52
CA GLN B 39 7.38 -17.09 -15.94
C GLN B 39 6.19 -17.52 -15.11
N THR B 40 5.60 -18.65 -15.46
CA THR B 40 4.44 -19.17 -14.75
C THR B 40 4.88 -19.82 -13.44
N PRO B 41 3.94 -20.07 -12.52
CA PRO B 41 4.32 -20.75 -11.26
C PRO B 41 5.02 -22.08 -11.48
N GLU B 42 4.70 -22.80 -12.56
CA GLU B 42 5.40 -24.03 -12.92
C GLU B 42 6.74 -23.77 -13.59
N LYS B 43 7.22 -22.52 -13.59
CA LYS B 43 8.55 -22.15 -14.06
C LYS B 43 8.72 -22.39 -15.55
N ARG B 44 7.64 -22.26 -16.32
CA ARG B 44 7.76 -22.19 -17.77
C ARG B 44 7.88 -20.73 -18.19
N LEU B 45 8.69 -20.49 -19.21
CA LEU B 45 8.80 -19.16 -19.80
C LEU B 45 7.82 -19.02 -20.94
N GLU B 46 7.02 -17.96 -20.90
CA GLU B 46 5.93 -17.75 -21.85
C GLU B 46 6.08 -16.38 -22.51
N TRP B 47 6.43 -16.37 -23.79
CA TRP B 47 6.44 -15.14 -24.60
C TRP B 47 5.03 -14.56 -24.64
N VAL B 48 4.88 -13.29 -24.23
CA VAL B 48 3.57 -12.70 -23.96
C VAL B 48 3.23 -11.59 -24.95
N ALA B 49 4.22 -10.78 -25.35
CA ALA B 49 3.94 -9.69 -26.26
C ALA B 49 5.25 -9.19 -26.87
N PHE B 50 5.14 -8.73 -28.12
CA PHE B 50 6.28 -8.22 -28.88
C PHE B 50 5.92 -6.88 -29.51
N ILE B 51 6.90 -5.98 -29.58
CA ILE B 51 6.76 -4.71 -30.27
C ILE B 51 8.09 -4.37 -30.95
N SER B 52 8.04 -3.90 -32.21
CA SER B 52 9.25 -3.50 -32.94
C SER B 52 9.77 -2.15 -32.42
N ASN B 53 11.04 -1.84 -32.79
CA ASN B 53 11.76 -0.70 -32.18
C ASN B 53 11.01 0.61 -32.37
N GLY B 54 10.38 0.80 -33.53
CA GLY B 54 9.66 2.02 -33.80
C GLY B 54 8.20 1.96 -33.48
N GLY B 55 7.74 0.86 -32.89
CA GLY B 55 6.33 0.70 -32.56
C GLY B 55 5.45 0.31 -33.72
N TYR B 56 6.01 0.06 -34.91
CA TYR B 56 5.16 -0.23 -36.06
C TYR B 56 4.53 -1.61 -35.97
N SER B 57 5.30 -2.60 -35.54
CA SER B 57 4.85 -3.98 -35.54
C SER B 57 4.62 -4.47 -34.12
N THR B 58 3.78 -5.50 -34.02
CA THR B 58 3.27 -6.01 -32.77
C THR B 58 2.94 -7.48 -32.98
N TYR B 59 3.05 -8.26 -31.91
CA TYR B 59 2.69 -9.68 -31.98
C TYR B 59 2.22 -10.12 -30.61
N TYR B 60 1.18 -10.95 -30.58
CA TYR B 60 0.68 -11.57 -29.35
C TYR B 60 0.30 -13.01 -29.61
N PRO B 61 0.68 -13.93 -28.73
CA PRO B 61 0.14 -15.29 -28.81
C PRO B 61 -1.35 -15.28 -28.53
N ASP B 62 -2.01 -16.36 -28.95
CA ASP B 62 -3.46 -16.43 -28.82
C ASP B 62 -3.90 -16.37 -27.36
N THR B 63 -3.06 -16.86 -26.43
CA THR B 63 -3.47 -16.89 -25.03
C THR B 63 -3.73 -15.51 -24.44
N VAL B 64 -3.28 -14.43 -25.10
CA VAL B 64 -3.42 -13.10 -24.53
C VAL B 64 -3.86 -12.12 -25.61
N LYS B 65 -3.92 -12.60 -26.86
CA LYS B 65 -4.31 -11.76 -27.99
C LYS B 65 -5.72 -11.24 -27.80
N GLY B 66 -5.89 -9.93 -27.87
CA GLY B 66 -7.17 -9.29 -27.62
C GLY B 66 -7.34 -8.78 -26.21
N ARG B 67 -6.50 -9.23 -25.27
CA ARG B 67 -6.62 -8.76 -23.90
C ARG B 67 -5.44 -7.91 -23.48
N PHE B 68 -4.29 -8.07 -24.13
CA PHE B 68 -3.06 -7.36 -23.79
C PHE B 68 -2.76 -6.38 -24.92
N THR B 69 -2.09 -5.29 -24.56
CA THR B 69 -1.60 -4.33 -25.55
C THR B 69 -0.23 -3.84 -25.13
N ILE B 70 0.78 -4.07 -25.97
CA ILE B 70 2.15 -3.64 -25.74
C ILE B 70 2.38 -2.32 -26.47
N SER B 71 3.13 -1.40 -25.86
CA SER B 71 3.34 -0.08 -26.44
C SER B 71 4.62 0.49 -25.86
N ARG B 72 5.20 1.48 -26.56
CA ARG B 72 6.45 2.09 -26.15
C ARG B 72 6.41 3.60 -26.33
N ASP B 73 7.02 4.30 -25.39
CA ASP B 73 7.28 5.73 -25.51
C ASP B 73 8.79 5.89 -25.59
N ASN B 74 9.29 6.01 -26.84
CA ASN B 74 10.73 5.99 -27.07
C ASN B 74 11.43 7.20 -26.46
N ALA B 75 10.79 8.38 -26.51
CA ALA B 75 11.38 9.57 -25.90
C ALA B 75 11.49 9.46 -24.37
N GLU B 76 10.70 8.59 -23.75
CA GLU B 76 10.81 8.37 -22.30
C GLU B 76 11.49 7.03 -21.96
N ASN B 77 12.01 6.32 -22.95
CA ASN B 77 12.74 5.06 -22.75
C ASN B 77 11.93 4.07 -21.93
N THR B 78 10.65 3.93 -22.26
CA THR B 78 9.75 3.10 -21.46
C THR B 78 8.93 2.19 -22.37
N LEU B 79 8.97 0.89 -22.06
CA LEU B 79 8.08 -0.11 -22.61
C LEU B 79 6.91 -0.32 -21.64
N TYR B 80 5.75 -0.64 -22.19
CA TYR B 80 4.52 -0.74 -21.44
C TYR B 80 3.78 -2.00 -21.81
N LEU B 81 3.01 -2.53 -20.84
CA LEU B 81 2.10 -3.65 -21.11
C LEU B 81 0.78 -3.37 -20.41
N GLN B 82 -0.25 -3.05 -21.21
CA GLN B 82 -1.60 -2.83 -20.71
C GLN B 82 -2.34 -4.16 -20.78
N MET B 83 -2.71 -4.71 -19.63
CA MET B 83 -3.47 -5.96 -19.57
C MET B 83 -4.90 -5.70 -19.11
N SER B 84 -5.83 -6.46 -19.66
CA SER B 84 -7.23 -6.35 -19.29
C SER B 84 -7.86 -7.72 -19.42
N SER B 85 -9.08 -7.87 -18.90
CA SER B 85 -9.74 -9.17 -18.83
C SER B 85 -8.84 -10.22 -18.20
N LEU B 86 -8.26 -9.86 -17.06
CA LEU B 86 -7.23 -10.70 -16.45
C LEU B 86 -7.82 -12.02 -15.95
N LYS B 87 -7.08 -13.10 -16.17
CA LYS B 87 -7.51 -14.41 -15.73
C LYS B 87 -6.42 -15.06 -14.88
N SER B 88 -6.84 -15.90 -13.92
CA SER B 88 -5.90 -16.53 -12.99
C SER B 88 -4.70 -17.16 -13.71
N GLU B 89 -4.91 -17.71 -14.91
CA GLU B 89 -3.78 -18.22 -15.68
C GLU B 89 -2.77 -17.15 -16.05
N ASP B 90 -3.11 -15.87 -15.89
CA ASP B 90 -2.15 -14.80 -16.14
C ASP B 90 -1.18 -14.59 -14.98
N THR B 91 -1.37 -15.26 -13.85
CA THR B 91 -0.51 -15.07 -12.69
C THR B 91 0.92 -15.54 -12.99
N ALA B 92 1.89 -14.63 -12.87
CA ALA B 92 3.29 -14.90 -13.24
C ALA B 92 4.15 -13.73 -12.80
N ILE B 93 5.47 -13.92 -12.84
CA ILE B 93 6.43 -12.80 -12.92
C ILE B 93 6.59 -12.40 -14.37
N TYR B 94 6.44 -11.10 -14.65
CA TYR B 94 6.55 -10.56 -16.00
C TYR B 94 7.91 -9.89 -16.18
N TYR B 95 8.60 -10.28 -17.25
CA TYR B 95 9.92 -9.76 -17.54
C TYR B 95 9.91 -8.89 -18.80
N CYS B 96 10.77 -7.90 -18.76
CA CYS B 96 11.08 -7.04 -19.89
C CYS B 96 12.31 -7.63 -20.59
N ALA B 97 12.27 -7.74 -21.92
CA ALA B 97 13.38 -8.37 -22.62
C ALA B 97 13.67 -7.68 -23.95
N ARG B 98 14.95 -7.58 -24.27
CA ARG B 98 15.42 -6.89 -25.46
C ARG B 98 15.82 -7.88 -26.55
N GLN B 99 15.49 -7.53 -27.80
CA GLN B 99 15.74 -8.40 -28.96
C GLN B 99 16.45 -7.60 -30.06
N GLY B 100 17.77 -7.45 -29.95
CA GLY B 100 18.53 -6.97 -31.09
C GLY B 100 18.37 -7.89 -32.31
N LEU B 101 18.57 -9.20 -32.10
CA LEU B 101 18.13 -10.26 -33.00
C LEU B 101 16.93 -10.93 -32.36
N ARG B 102 16.45 -12.03 -32.95
CA ARG B 102 15.19 -12.60 -32.48
C ARG B 102 15.32 -13.23 -31.10
N TYR B 103 16.49 -13.73 -30.73
CA TYR B 103 16.65 -14.27 -29.39
C TYR B 103 16.81 -13.13 -28.41
N PHE B 104 16.29 -13.31 -27.19
CA PHE B 104 16.41 -12.28 -26.17
C PHE B 104 17.85 -12.16 -25.70
N ASP B 105 18.37 -10.95 -25.57
CA ASP B 105 19.72 -10.78 -25.05
C ASP B 105 19.84 -10.03 -23.71
N TYR B 106 18.77 -9.42 -23.18
CA TYR B 106 18.81 -8.78 -21.87
C TYR B 106 17.43 -8.85 -21.25
N TRP B 107 17.38 -9.12 -19.92
CA TRP B 107 16.13 -9.15 -19.20
C TRP B 107 16.18 -8.23 -17.98
N GLY B 108 15.01 -7.76 -17.56
CA GLY B 108 14.86 -7.10 -16.28
C GLY B 108 14.75 -8.08 -15.13
N LEU B 109 14.49 -7.53 -13.93
CA LEU B 109 14.33 -8.35 -12.74
C LEU B 109 12.95 -8.92 -12.61
N GLY B 110 11.98 -8.39 -13.34
CA GLY B 110 10.63 -8.90 -13.26
C GLY B 110 9.75 -8.07 -12.33
N THR B 111 8.45 -8.24 -12.51
CA THR B 111 7.42 -7.67 -11.67
C THR B 111 6.33 -8.75 -11.59
N THR B 112 5.71 -8.90 -10.43
CA THR B 112 4.87 -10.05 -10.14
C THR B 112 3.41 -9.66 -10.24
N LEU B 113 2.62 -10.48 -10.93
CA LEU B 113 1.18 -10.29 -10.99
C LEU B 113 0.46 -11.44 -10.30
N THR B 114 -0.58 -11.13 -9.52
CA THR B 114 -1.46 -12.16 -8.97
C THR B 114 -2.91 -11.87 -9.34
N VAL B 115 -3.57 -12.83 -9.98
CA VAL B 115 -4.97 -12.70 -10.36
C VAL B 115 -5.77 -13.66 -9.48
N SER B 116 -6.59 -13.11 -8.61
CA SER B 116 -7.30 -13.94 -7.64
C SER B 116 -8.52 -13.20 -7.13
N SER B 117 -9.57 -13.95 -6.82
CA SER B 117 -10.70 -13.35 -6.13
C SER B 117 -10.50 -13.30 -4.62
N ALA B 118 -9.49 -13.99 -4.10
CA ALA B 118 -9.28 -14.04 -2.67
C ALA B 118 -9.00 -12.64 -2.15
N LYS B 119 -9.51 -12.34 -0.96
CA LYS B 119 -9.28 -11.03 -0.38
C LYS B 119 -8.08 -11.02 0.56
N THR B 120 -7.47 -9.85 0.64
CA THR B 120 -6.28 -9.63 1.44
C THR B 120 -6.55 -9.87 2.93
N THR B 121 -5.73 -10.73 3.54
CA THR B 121 -5.91 -11.13 4.94
C THR B 121 -4.54 -11.10 5.62
N PRO B 122 -4.41 -10.44 6.77
CA PRO B 122 -3.14 -10.46 7.48
C PRO B 122 -2.89 -11.83 8.06
N PRO B 123 -1.63 -12.20 8.28
CA PRO B 123 -1.33 -13.53 8.82
C PRO B 123 -1.54 -13.63 10.32
N SER B 124 -1.83 -14.85 10.77
CA SER B 124 -1.65 -15.22 12.16
C SER B 124 -0.23 -15.74 12.32
N VAL B 125 0.45 -15.31 13.39
CA VAL B 125 1.85 -15.66 13.63
C VAL B 125 1.96 -16.35 14.99
N TYR B 126 2.35 -17.62 14.99
CA TYR B 126 2.46 -18.45 16.19
C TYR B 126 3.89 -18.87 16.48
N PRO B 127 4.36 -18.72 17.71
CA PRO B 127 5.71 -19.19 18.05
C PRO B 127 5.74 -20.72 18.14
N LEU B 128 6.86 -21.30 17.70
CA LEU B 128 7.08 -22.75 17.75
C LEU B 128 8.22 -23.01 18.71
N ALA B 129 7.90 -23.52 19.89
CA ALA B 129 8.93 -23.87 20.85
C ALA B 129 8.90 -25.35 21.18
N PRO B 130 10.06 -26.00 21.34
CA PRO B 130 10.17 -27.43 21.66
C PRO B 130 9.58 -27.77 23.04
N ASN B 137 21.49 -30.91 23.85
CA ASN B 137 22.28 -30.55 22.66
C ASN B 137 22.96 -29.19 22.80
N SER B 138 24.07 -29.01 22.07
CA SER B 138 24.66 -27.69 21.87
C SER B 138 23.75 -26.76 21.08
N MET B 139 22.74 -27.31 20.39
CA MET B 139 21.91 -26.54 19.47
C MET B 139 20.43 -26.85 19.67
N VAL B 140 19.64 -25.80 19.54
CA VAL B 140 18.19 -25.81 19.66
C VAL B 140 17.61 -25.29 18.36
N THR B 141 16.53 -25.90 17.87
CA THR B 141 15.83 -25.41 16.70
C THR B 141 14.44 -24.92 17.08
N LEU B 142 14.14 -23.68 16.73
CA LEU B 142 12.87 -23.01 16.97
C LEU B 142 12.27 -22.61 15.63
N GLY B 143 11.03 -22.12 15.68
CA GLY B 143 10.39 -21.67 14.47
C GLY B 143 9.27 -20.71 14.78
N CYS B 144 8.61 -20.28 13.71
CA CYS B 144 7.43 -19.42 13.77
C CYS B 144 6.47 -19.83 12.66
N LEU B 145 5.21 -20.05 13.01
CA LEU B 145 4.18 -20.46 12.05
C LEU B 145 3.32 -19.25 11.67
N VAL B 146 3.26 -18.96 10.37
CA VAL B 146 2.45 -17.86 9.85
C VAL B 146 1.34 -18.45 9.00
N LYS B 147 0.08 -18.29 9.44
CA LYS B 147 -1.04 -19.06 8.92
C LYS B 147 -2.16 -18.14 8.48
N GLY B 148 -2.92 -18.61 7.48
CA GLY B 148 -4.12 -17.97 6.96
C GLY B 148 -3.99 -16.57 6.41
N TYR B 149 -3.02 -16.31 5.52
CA TYR B 149 -2.83 -14.97 4.99
C TYR B 149 -3.05 -14.93 3.47
N PHE B 150 -3.27 -13.71 2.96
CA PHE B 150 -3.34 -13.50 1.52
C PHE B 150 -3.08 -12.03 1.26
N PRO B 151 -2.35 -11.68 0.18
CA PRO B 151 -1.62 -12.61 -0.70
C PRO B 151 -0.16 -12.81 -0.30
N GLU B 152 0.56 -13.53 -1.15
CA GLU B 152 2.01 -13.56 -1.04
C GLU B 152 2.58 -12.19 -1.45
N PRO B 153 3.74 -11.80 -0.92
CA PRO B 153 4.58 -12.58 -0.02
C PRO B 153 4.52 -12.16 1.44
N VAL B 154 5.12 -12.98 2.29
CA VAL B 154 5.50 -12.57 3.63
C VAL B 154 7.01 -12.69 3.77
N THR B 155 7.57 -11.88 4.67
CA THR B 155 8.97 -11.93 5.06
C THR B 155 9.13 -12.43 6.49
N VAL B 156 10.16 -13.23 6.73
CA VAL B 156 10.49 -13.69 8.08
C VAL B 156 11.95 -13.38 8.35
N THR B 157 12.22 -12.63 9.42
CA THR B 157 13.56 -12.40 9.95
C THR B 157 13.61 -12.97 11.36
N TRP B 158 14.83 -13.21 11.85
CA TRP B 158 15.04 -13.61 13.24
C TRP B 158 15.97 -12.63 13.94
N ASN B 159 15.55 -12.11 15.10
CA ASN B 159 16.33 -11.13 15.86
C ASN B 159 16.67 -9.92 14.98
N SER B 160 15.63 -9.40 14.32
CA SER B 160 15.62 -8.16 13.54
C SER B 160 16.54 -8.29 12.33
N GLY B 161 16.93 -9.54 12.03
CA GLY B 161 17.78 -9.86 10.92
C GLY B 161 19.18 -10.27 11.27
N SER B 162 19.53 -10.29 12.56
CA SER B 162 20.87 -10.57 13.00
C SER B 162 21.12 -12.06 13.23
N LEU B 163 20.07 -12.88 13.21
CA LEU B 163 20.22 -14.33 13.06
C LEU B 163 20.05 -14.71 11.60
N SER B 164 21.09 -15.28 10.99
CA SER B 164 20.96 -15.66 9.59
C SER B 164 21.12 -17.13 9.28
N SER B 165 22.03 -17.83 9.94
CA SER B 165 22.15 -19.24 9.60
C SER B 165 21.24 -20.09 10.46
N GLY B 166 21.02 -21.31 9.97
CA GLY B 166 20.02 -22.16 10.56
C GLY B 166 18.67 -21.52 10.44
N VAL B 167 18.52 -20.60 9.48
CA VAL B 167 17.24 -20.01 9.11
C VAL B 167 16.80 -20.65 7.80
N HIS B 168 15.76 -21.47 7.88
CA HIS B 168 15.12 -22.10 6.73
C HIS B 168 13.68 -21.57 6.66
N THR B 169 13.38 -20.78 5.64
CA THR B 169 12.03 -20.33 5.37
C THR B 169 11.45 -21.15 4.21
N PHE B 170 10.34 -21.88 4.48
CA PHE B 170 9.64 -22.89 3.68
C PHE B 170 8.53 -22.25 2.81
N PRO B 171 8.34 -22.74 1.57
CA PRO B 171 7.33 -22.14 0.70
C PRO B 171 5.90 -22.35 1.18
N ALA B 172 5.09 -21.32 1.02
CA ALA B 172 3.69 -21.39 1.37
C ALA B 172 2.95 -22.33 0.42
N VAL B 173 1.91 -22.95 0.93
CA VAL B 173 1.02 -23.76 0.11
C VAL B 173 -0.33 -23.08 0.12
N LEU B 174 -1.05 -23.16 -0.99
CA LEU B 174 -2.36 -22.56 -1.00
C LEU B 174 -3.35 -23.58 -0.47
N GLN B 175 -4.21 -23.10 0.42
CA GLN B 175 -5.27 -23.84 1.09
C GLN B 175 -6.47 -22.91 1.23
N SER B 176 -7.61 -23.30 0.61
CA SER B 176 -8.90 -22.62 0.67
C SER B 176 -8.92 -21.46 -0.31
N ASP B 177 -7.96 -20.62 0.02
CA ASP B 177 -7.82 -19.24 -0.39
C ASP B 177 -6.74 -18.59 0.46
N LEU B 178 -6.07 -19.33 1.34
CA LEU B 178 -5.13 -18.75 2.29
C LEU B 178 -3.83 -19.52 2.30
N TYR B 179 -2.74 -18.83 2.61
CA TYR B 179 -1.43 -19.43 2.65
C TYR B 179 -0.98 -19.68 4.08
N THR B 180 -0.22 -20.76 4.26
CA THR B 180 0.47 -21.04 5.50
C THR B 180 1.94 -21.31 5.19
N LEU B 181 2.81 -20.70 5.99
CA LEU B 181 4.24 -20.78 5.79
C LEU B 181 4.89 -21.02 7.14
N SER B 182 6.08 -21.60 7.13
CA SER B 182 6.87 -21.71 8.35
C SER B 182 8.30 -21.25 8.10
N SER B 183 8.95 -20.92 9.20
CA SER B 183 10.34 -20.53 9.20
C SER B 183 11.00 -21.19 10.39
N SER B 184 12.22 -21.68 10.17
CA SER B 184 12.99 -22.42 11.16
C SER B 184 14.22 -21.61 11.51
N VAL B 185 14.56 -21.60 12.80
CA VAL B 185 15.79 -20.96 13.28
C VAL B 185 16.49 -21.97 14.17
N THR B 186 17.78 -22.15 13.94
CA THR B 186 18.59 -23.01 14.78
C THR B 186 19.66 -22.13 15.41
N VAL B 187 19.64 -22.05 16.73
CA VAL B 187 20.54 -21.17 17.46
C VAL B 187 21.28 -22.04 18.44
N PRO B 188 22.51 -21.66 18.82
CA PRO B 188 23.19 -22.37 19.90
C PRO B 188 22.37 -22.33 21.18
N SER B 189 22.32 -23.48 21.86
CA SER B 189 21.51 -23.61 23.06
C SER B 189 22.04 -22.79 24.23
N SER B 190 23.25 -22.24 24.12
CA SER B 190 23.70 -21.22 25.07
C SER B 190 22.86 -19.96 24.93
N THR B 191 22.73 -19.46 23.69
CA THR B 191 21.97 -18.24 23.41
C THR B 191 20.53 -18.34 23.88
N TRP B 192 19.90 -19.52 23.79
CA TRP B 192 18.47 -19.63 24.09
C TRP B 192 18.22 -20.84 25.00
N PRO B 193 17.30 -20.72 25.99
CA PRO B 193 16.49 -19.52 26.27
C PRO B 193 17.12 -18.51 27.23
N SER B 194 18.45 -18.39 27.22
CA SER B 194 19.09 -17.32 27.99
C SER B 194 18.83 -15.96 27.37
N GLU B 195 18.76 -15.90 26.04
CA GLU B 195 18.46 -14.68 25.30
C GLU B 195 17.21 -14.92 24.47
N THR B 196 16.56 -13.82 24.09
CA THR B 196 15.29 -13.91 23.39
C THR B 196 15.55 -13.98 21.88
N VAL B 197 14.87 -14.91 21.22
CA VAL B 197 14.90 -15.05 19.77
C VAL B 197 13.50 -14.76 19.28
N THR B 198 13.38 -13.79 18.39
CA THR B 198 12.08 -13.31 17.95
C THR B 198 12.02 -13.35 16.43
N CYS B 199 11.00 -14.01 15.90
CA CYS B 199 10.69 -13.94 14.47
C CYS B 199 9.99 -12.63 14.18
N ASN B 200 10.55 -11.84 13.26
CA ASN B 200 9.91 -10.64 12.75
C ASN B 200 9.24 -10.95 11.41
N VAL B 201 7.92 -10.87 11.37
CA VAL B 201 7.13 -11.21 10.19
C VAL B 201 6.62 -9.92 9.56
N ALA B 202 6.74 -9.81 8.24
CA ALA B 202 6.26 -8.64 7.52
C ALA B 202 5.35 -9.09 6.38
N HIS B 203 4.18 -8.46 6.30
CA HIS B 203 3.22 -8.74 5.24
C HIS B 203 2.80 -7.43 4.61
N PRO B 204 3.52 -6.98 3.59
CA PRO B 204 3.25 -5.63 3.04
C PRO B 204 1.82 -5.45 2.58
N ALA B 205 1.20 -6.47 1.97
CA ALA B 205 -0.13 -6.26 1.41
C ALA B 205 -1.17 -5.90 2.47
N SER B 206 -1.06 -6.45 3.68
CA SER B 206 -1.95 -6.08 4.76
C SER B 206 -1.33 -5.07 5.72
N SER B 207 -0.15 -4.52 5.35
CA SER B 207 0.56 -3.52 6.15
C SER B 207 0.81 -4.05 7.55
N THR B 208 1.43 -5.24 7.60
CA THR B 208 1.65 -5.95 8.85
C THR B 208 3.13 -6.13 9.10
N LYS B 209 3.56 -5.83 10.34
CA LYS B 209 4.86 -6.23 10.85
C LYS B 209 4.63 -6.68 12.29
N VAL B 210 4.92 -7.95 12.58
CA VAL B 210 4.63 -8.55 13.87
C VAL B 210 5.88 -9.26 14.37
N ASP B 211 6.22 -9.04 15.64
CA ASP B 211 7.35 -9.69 16.32
C ASP B 211 6.83 -10.68 17.37
N LYS B 212 7.11 -11.96 17.16
CA LYS B 212 6.73 -13.01 18.09
C LYS B 212 7.96 -13.56 18.81
N LYS B 213 7.98 -13.39 20.13
CA LYS B 213 9.05 -13.91 20.97
C LYS B 213 8.82 -15.40 21.19
N ILE B 214 9.90 -16.17 21.08
CA ILE B 214 9.84 -17.61 21.33
C ILE B 214 10.10 -17.82 22.82
N VAL B 215 9.12 -18.38 23.52
CA VAL B 215 9.28 -18.61 24.96
C VAL B 215 9.38 -20.10 25.21
N PRO B 216 10.23 -20.53 26.16
CA PRO B 216 10.34 -21.94 26.58
C PRO B 216 9.09 -22.44 27.29
N ASP C 1 -23.12 -1.53 17.80
CA ASP C 1 -23.39 -0.62 18.91
C ASP C 1 -24.68 0.18 18.67
N ILE C 2 -24.73 1.38 19.21
CA ILE C 2 -25.77 2.35 18.93
C ILE C 2 -25.23 3.33 17.90
N GLN C 3 -25.99 3.54 16.83
CA GLN C 3 -25.63 4.49 15.79
C GLN C 3 -26.38 5.79 16.03
N MET C 4 -25.63 6.88 16.04
CA MET C 4 -26.17 8.24 16.08
C MET C 4 -26.25 8.78 14.66
N THR C 5 -27.43 9.24 14.27
CA THR C 5 -27.59 9.94 13.00
C THR C 5 -27.68 11.43 13.29
N GLN C 6 -26.72 12.19 12.80
CA GLN C 6 -26.66 13.62 13.09
C GLN C 6 -27.00 14.39 11.82
N SER C 7 -27.81 15.44 11.98
CA SER C 7 -28.34 16.15 10.85
C SER C 7 -28.51 17.61 11.23
N PRO C 8 -28.22 18.55 10.32
CA PRO C 8 -27.64 18.31 8.99
C PRO C 8 -26.10 18.17 9.05
N SER C 9 -25.44 17.79 7.96
CA SER C 9 -23.99 17.72 8.02
C SER C 9 -23.36 19.10 8.01
N SER C 10 -24.02 20.06 7.38
CA SER C 10 -23.55 21.43 7.39
C SER C 10 -24.74 22.37 7.49
N LEU C 11 -24.45 23.58 7.93
CA LEU C 11 -25.51 24.52 8.23
C LEU C 11 -24.94 25.91 8.14
N SER C 12 -25.64 26.78 7.44
CA SER C 12 -25.26 28.18 7.36
C SER C 12 -26.32 28.98 8.10
N ALA C 13 -25.89 29.89 8.96
CA ALA C 13 -26.79 30.65 9.80
C ALA C 13 -26.29 32.07 9.87
N SER C 14 -27.21 32.97 10.17
CA SER C 14 -26.84 34.37 10.27
C SER C 14 -26.52 34.71 11.71
N LEU C 15 -25.56 35.62 11.89
CA LEU C 15 -25.23 36.12 13.21
C LEU C 15 -26.48 36.63 13.90
N GLY C 16 -26.69 36.20 15.14
CA GLY C 16 -27.87 36.58 15.89
C GLY C 16 -29.07 35.66 15.70
N GLY C 17 -29.04 34.74 14.75
CA GLY C 17 -30.14 33.82 14.56
C GLY C 17 -30.03 32.62 15.48
N ARG C 18 -30.82 31.58 15.16
CA ARG C 18 -30.89 30.35 15.94
C ARG C 18 -30.53 29.16 15.06
N VAL C 19 -29.96 28.16 15.69
CA VAL C 19 -29.52 26.96 15.00
C VAL C 19 -30.00 25.76 15.79
N THR C 20 -30.47 24.75 15.09
CA THR C 20 -30.94 23.53 15.71
C THR C 20 -30.36 22.35 14.94
N ILE C 21 -29.68 21.47 15.66
CA ILE C 21 -29.11 20.24 15.16
C ILE C 21 -29.77 19.09 15.91
N THR C 22 -29.94 17.96 15.24
CA THR C 22 -30.57 16.80 15.84
C THR C 22 -29.69 15.57 15.69
N CYS C 23 -29.84 14.67 16.66
CA CYS C 23 -29.22 13.34 16.61
C CYS C 23 -30.30 12.33 16.95
N LYS C 24 -30.52 11.39 16.05
CA LYS C 24 -31.43 10.30 16.31
C LYS C 24 -30.60 9.07 16.63
N ALA C 25 -30.82 8.50 17.82
CA ALA C 25 -30.12 7.31 18.24
C ALA C 25 -30.84 6.09 17.69
N SER C 26 -30.09 5.03 17.42
CA SER C 26 -30.70 3.81 16.89
C SER C 26 -31.47 3.02 17.94
N GLN C 27 -31.27 3.30 19.25
CA GLN C 27 -32.08 2.71 20.32
C GLN C 27 -32.32 3.78 21.35
N ASP C 28 -33.19 3.48 22.32
CA ASP C 28 -33.30 4.34 23.49
C ASP C 28 -31.92 4.45 24.11
N ILE C 29 -31.52 5.67 24.45
CA ILE C 29 -30.24 5.92 25.09
C ILE C 29 -30.40 6.65 26.40
N ASN C 30 -31.65 6.79 26.86
CA ASN C 30 -32.00 7.17 28.22
C ASN C 30 -31.42 8.53 28.61
N LYS C 31 -31.39 9.45 27.63
CA LYS C 31 -30.95 10.84 27.80
C LYS C 31 -29.44 10.95 28.02
N TYR C 32 -28.70 9.86 27.83
CA TYR C 32 -27.25 9.88 28.04
C TYR C 32 -26.58 10.34 26.74
N LEU C 33 -26.63 11.65 26.53
CA LEU C 33 -26.12 12.26 25.31
C LEU C 33 -25.35 13.52 25.64
N ALA C 34 -24.14 13.63 25.10
CA ALA C 34 -23.32 14.81 25.29
C ALA C 34 -23.14 15.52 23.95
N TRP C 35 -22.79 16.80 24.03
CA TRP C 35 -22.60 17.65 22.86
C TRP C 35 -21.24 18.31 22.94
N TYR C 36 -20.48 18.29 21.83
CA TYR C 36 -19.16 18.89 21.79
C TYR C 36 -19.03 19.94 20.70
N GLN C 37 -18.24 20.97 20.99
CA GLN C 37 -17.85 21.97 20.01
C GLN C 37 -16.40 21.72 19.59
N HIS C 38 -16.15 21.66 18.28
CA HIS C 38 -14.81 21.37 17.78
C HIS C 38 -14.40 22.38 16.71
N LYS C 39 -13.34 23.14 17.01
CA LYS C 39 -12.81 24.16 16.12
C LYS C 39 -11.51 23.68 15.46
N PRO C 40 -11.27 24.14 14.23
CA PRO C 40 -10.09 23.68 13.45
C PRO C 40 -8.76 23.89 14.16
N GLY C 41 -7.94 22.85 14.19
CA GLY C 41 -6.67 22.95 14.87
C GLY C 41 -6.72 22.88 16.39
N LYS C 42 -7.91 22.80 16.99
CA LYS C 42 -8.06 22.67 18.44
C LYS C 42 -8.68 21.32 18.80
N GLY C 43 -8.83 21.08 20.10
CA GLY C 43 -9.50 19.89 20.56
C GLY C 43 -10.95 20.17 20.87
N PRO C 44 -11.81 19.15 20.78
CA PRO C 44 -13.22 19.32 21.17
C PRO C 44 -13.37 19.83 22.59
N ARG C 45 -14.49 20.50 22.85
CA ARG C 45 -14.78 21.09 24.16
C ARG C 45 -16.21 20.74 24.54
N LEU C 46 -16.36 20.08 25.70
CA LEU C 46 -17.68 19.63 26.14
C LEU C 46 -18.57 20.82 26.46
N LEU C 47 -19.81 20.75 25.98
CA LEU C 47 -20.82 21.79 26.18
C LEU C 47 -21.94 21.31 27.10
N ILE C 48 -22.55 20.19 26.74
CA ILE C 48 -23.74 19.66 27.39
C ILE C 48 -23.50 18.18 27.67
N HIS C 49 -23.91 17.73 28.84
CA HIS C 49 -24.04 16.30 29.07
C HIS C 49 -25.45 16.02 29.58
N TYR C 50 -25.82 14.76 29.51
CA TYR C 50 -27.14 14.30 29.93
C TYR C 50 -28.22 15.19 29.30
N THR C 51 -28.16 15.25 27.97
CA THR C 51 -29.16 15.88 27.12
C THR C 51 -29.24 17.39 27.30
N SER C 52 -29.27 17.92 28.54
CA SER C 52 -29.54 19.34 28.68
C SER C 52 -28.76 20.07 29.78
N THR C 53 -27.80 19.43 30.44
CA THR C 53 -27.06 20.08 31.52
C THR C 53 -25.86 20.83 30.93
N LEU C 54 -25.87 22.15 31.04
CA LEU C 54 -24.74 22.94 30.56
C LEU C 54 -23.53 22.71 31.45
N GLN C 55 -22.37 22.57 30.82
CA GLN C 55 -21.11 22.58 31.56
C GLN C 55 -20.88 23.96 32.14
N PRO C 56 -20.23 24.02 33.32
CA PRO C 56 -19.88 25.33 33.89
C PRO C 56 -19.00 26.12 32.93
N GLY C 57 -19.31 27.41 32.81
CA GLY C 57 -18.61 28.29 31.90
C GLY C 57 -19.32 28.55 30.59
N ILE C 58 -20.18 27.63 30.17
CA ILE C 58 -20.76 27.66 28.81
C ILE C 58 -21.86 28.72 28.76
N PRO C 59 -21.87 29.56 27.72
CA PRO C 59 -22.93 30.56 27.57
C PRO C 59 -24.31 29.93 27.48
N SER C 60 -25.26 30.58 28.16
CA SER C 60 -26.64 30.10 28.27
C SER C 60 -27.29 29.93 26.91
N ARG C 61 -26.82 30.65 25.89
CA ARG C 61 -27.40 30.51 24.56
C ARG C 61 -27.21 29.12 23.97
N PHE C 62 -26.46 28.26 24.65
CA PHE C 62 -26.38 26.87 24.25
C PHE C 62 -27.44 26.09 25.02
N SER C 63 -28.05 25.12 24.36
CA SER C 63 -29.05 24.32 25.06
C SER C 63 -29.23 22.99 24.34
N GLY C 64 -29.79 22.03 25.08
CA GLY C 64 -30.11 20.74 24.50
C GLY C 64 -31.41 20.21 25.06
N SER C 65 -31.93 19.19 24.40
CA SER C 65 -33.21 18.60 24.78
C SER C 65 -33.39 17.30 24.03
N GLY C 66 -34.37 16.53 24.48
CA GLY C 66 -34.71 15.28 23.84
C GLY C 66 -34.95 14.18 24.85
N SER C 67 -35.27 12.98 24.38
CA SER C 67 -35.46 11.79 25.20
C SER C 67 -35.71 10.64 24.24
N GLY C 68 -35.72 9.42 24.76
CA GLY C 68 -35.88 8.23 23.94
C GLY C 68 -34.78 8.13 22.91
N ARG C 69 -35.05 8.45 21.65
CA ARG C 69 -33.98 8.38 20.67
C ARG C 69 -33.82 9.68 19.91
N ASP C 70 -34.58 10.73 20.25
CA ASP C 70 -34.66 11.96 19.47
C ASP C 70 -34.16 13.11 20.34
N TYR C 71 -33.05 13.72 19.95
CA TYR C 71 -32.43 14.77 20.75
C TYR C 71 -32.19 16.02 19.91
N SER C 72 -31.90 17.11 20.60
CA SER C 72 -31.74 18.39 19.95
C SER C 72 -30.69 19.20 20.67
N PHE C 73 -29.92 19.93 19.89
CA PHE C 73 -28.98 20.91 20.40
C PHE C 73 -29.33 22.23 19.73
N SER C 74 -29.12 23.34 20.43
CA SER C 74 -29.62 24.60 19.91
C SER C 74 -28.73 25.74 20.39
N ILE C 75 -28.50 26.70 19.49
CA ILE C 75 -27.78 27.93 19.81
C ILE C 75 -28.75 29.08 19.61
N SER C 76 -28.97 29.86 20.66
CA SER C 76 -29.69 31.10 20.46
C SER C 76 -28.70 32.21 20.12
N ASN C 77 -29.15 33.12 19.26
CA ASN C 77 -28.43 34.36 18.95
C ASN C 77 -26.97 34.09 18.58
N LEU C 78 -26.83 33.49 17.39
CA LEU C 78 -25.53 33.00 16.92
C LEU C 78 -24.48 34.09 16.96
N GLU C 79 -23.33 33.76 17.55
CA GLU C 79 -22.17 34.64 17.65
C GLU C 79 -21.03 34.10 16.77
N PRO C 80 -20.06 34.95 16.41
CA PRO C 80 -19.02 34.47 15.47
C PRO C 80 -18.17 33.32 16.03
N GLU C 81 -17.77 33.40 17.29
CA GLU C 81 -17.02 32.33 17.94
C GLU C 81 -17.79 31.01 17.94
N ASP C 82 -19.07 31.03 17.62
CA ASP C 82 -19.83 29.79 17.54
C ASP C 82 -19.58 29.02 16.26
N VAL C 83 -18.79 29.57 15.34
CA VAL C 83 -18.51 28.86 14.09
C VAL C 83 -17.56 27.72 14.38
N ALA C 84 -18.01 26.51 14.09
CA ALA C 84 -17.28 25.31 14.47
C ALA C 84 -18.01 24.08 13.95
N THR C 85 -17.48 22.91 14.24
CA THR C 85 -18.16 21.66 13.97
C THR C 85 -18.67 21.11 15.29
N TYR C 86 -19.92 20.64 15.31
CA TYR C 86 -20.56 20.13 16.52
C TYR C 86 -20.85 18.64 16.40
N TYR C 87 -20.70 17.92 17.53
CA TYR C 87 -20.91 16.48 17.61
C TYR C 87 -21.74 16.11 18.83
N CYS C 88 -22.72 15.22 18.65
CA CYS C 88 -23.36 14.52 19.76
C CYS C 88 -22.58 13.26 20.12
N LEU C 89 -22.70 12.83 21.37
CA LEU C 89 -22.10 11.58 21.81
C LEU C 89 -23.04 10.81 22.72
N GLN C 90 -23.37 9.60 22.30
CA GLN C 90 -24.18 8.68 23.07
C GLN C 90 -23.27 7.90 24.02
N TYR C 91 -23.64 7.85 25.30
CA TYR C 91 -22.81 7.10 26.23
C TYR C 91 -23.65 6.24 27.16
N ASP C 92 -24.83 5.83 26.71
CA ASP C 92 -25.62 4.87 27.49
C ASP C 92 -25.06 3.45 27.34
N SER C 93 -24.82 3.01 26.10
CA SER C 93 -24.27 1.68 25.82
C SER C 93 -22.97 1.87 25.08
N LEU C 94 -21.86 1.51 25.72
CA LEU C 94 -20.51 1.84 25.27
C LEU C 94 -20.49 3.33 24.96
N LEU C 95 -19.96 3.75 23.82
CA LEU C 95 -19.76 5.13 23.39
C LEU C 95 -19.98 5.19 21.90
N SER C 96 -20.65 6.25 21.43
CA SER C 96 -20.83 6.45 20.00
C SER C 96 -21.00 7.92 19.66
N PHE C 97 -20.40 8.32 18.55
CA PHE C 97 -20.46 9.70 18.08
C PHE C 97 -21.48 9.86 16.96
N GLY C 98 -22.02 11.07 16.84
CA GLY C 98 -22.64 11.48 15.59
C GLY C 98 -21.59 11.84 14.56
N ALA C 99 -21.99 11.87 13.29
CA ALA C 99 -21.02 12.15 12.23
C ALA C 99 -20.61 13.61 12.18
N GLY C 100 -21.31 14.49 12.87
CA GLY C 100 -20.86 15.86 12.91
C GLY C 100 -21.74 16.81 12.08
N THR C 101 -21.78 18.07 12.51
CA THR C 101 -22.41 19.16 11.80
C THR C 101 -21.44 20.33 11.69
N LYS C 102 -21.08 20.70 10.46
CA LYS C 102 -20.28 21.89 10.22
C LYS C 102 -21.19 23.12 10.18
N LEU C 103 -20.87 24.12 10.98
CA LEU C 103 -21.74 25.28 11.13
C LEU C 103 -21.02 26.50 10.60
N GLU C 104 -21.56 27.09 9.54
CA GLU C 104 -20.96 28.25 8.90
C GLU C 104 -21.92 29.44 8.89
N LEU C 105 -21.37 30.61 8.59
CA LEU C 105 -22.11 31.85 8.60
C LEU C 105 -22.81 32.11 7.26
N LYS C 106 -23.98 32.73 7.36
CA LYS C 106 -24.70 33.28 6.21
C LYS C 106 -24.23 34.70 5.93
N ARG C 107 -24.26 35.06 4.65
CA ARG C 107 -23.90 36.40 4.20
C ARG C 107 -24.59 36.62 2.86
N ALA C 108 -24.54 37.86 2.39
CA ALA C 108 -25.13 38.17 1.09
C ALA C 108 -24.39 37.42 -0.02
N ASP C 109 -25.15 36.90 -0.97
CA ASP C 109 -24.55 36.29 -2.16
C ASP C 109 -23.54 37.24 -2.80
N ALA C 110 -22.45 36.66 -3.29
CA ALA C 110 -21.37 37.39 -3.92
C ALA C 110 -20.88 36.55 -5.08
N ALA C 111 -20.52 37.21 -6.21
CA ALA C 111 -20.06 36.38 -7.31
C ALA C 111 -18.54 36.25 -7.26
N PRO C 112 -17.99 35.18 -7.83
CA PRO C 112 -16.53 35.00 -7.80
C PRO C 112 -15.81 36.00 -8.69
N THR C 113 -14.64 36.47 -8.22
CA THR C 113 -13.68 37.12 -9.08
C THR C 113 -12.76 36.06 -9.66
N VAL C 114 -12.76 35.93 -10.98
CA VAL C 114 -12.11 34.83 -11.67
C VAL C 114 -10.85 35.34 -12.34
N SER C 115 -9.75 34.61 -12.16
CA SER C 115 -8.47 34.94 -12.77
C SER C 115 -7.89 33.67 -13.36
N ILE C 116 -7.28 33.80 -14.54
CA ILE C 116 -6.71 32.67 -15.25
C ILE C 116 -5.24 32.96 -15.42
N PHE C 117 -4.45 31.89 -15.46
CA PHE C 117 -3.00 32.01 -15.43
C PHE C 117 -2.38 30.96 -16.32
N PRO C 118 -1.63 31.37 -17.35
CA PRO C 118 -0.93 30.39 -18.19
C PRO C 118 0.20 29.75 -17.41
N PRO C 119 0.69 28.60 -17.87
CA PRO C 119 1.86 28.02 -17.25
C PRO C 119 3.04 28.98 -17.31
N SER C 120 3.92 28.88 -16.32
CA SER C 120 5.12 29.70 -16.34
C SER C 120 6.15 29.08 -17.28
N SER C 121 6.93 29.94 -17.93
CA SER C 121 8.04 29.43 -18.73
C SER C 121 8.96 28.56 -17.90
N GLU C 122 9.07 28.87 -16.60
CA GLU C 122 9.90 28.07 -15.72
C GLU C 122 9.40 26.63 -15.66
N GLN C 123 8.09 26.43 -15.60
CA GLN C 123 7.59 25.06 -15.54
C GLN C 123 7.66 24.40 -16.92
N LEU C 124 7.41 25.16 -17.99
CA LEU C 124 7.41 24.54 -19.32
C LEU C 124 8.77 23.96 -19.64
N THR C 125 9.84 24.64 -19.25
CA THR C 125 11.18 24.05 -19.31
C THR C 125 11.25 22.70 -18.62
N SER C 126 10.83 22.62 -17.36
CA SER C 126 10.68 21.36 -16.65
C SER C 126 10.02 20.25 -17.47
N GLY C 127 9.16 20.61 -18.42
CA GLY C 127 8.43 19.63 -19.20
C GLY C 127 6.97 19.40 -18.82
N GLY C 128 6.35 20.32 -18.06
CA GLY C 128 4.94 20.23 -17.75
C GLY C 128 4.29 21.60 -17.90
N ALA C 129 2.96 21.60 -17.88
CA ALA C 129 2.19 22.85 -17.96
C ALA C 129 0.99 22.73 -17.05
N SER C 130 0.85 23.67 -16.13
CA SER C 130 -0.29 23.71 -15.23
C SER C 130 -1.01 25.03 -15.43
N VAL C 131 -2.28 24.95 -15.83
CA VAL C 131 -3.13 26.11 -16.02
C VAL C 131 -3.96 26.27 -14.75
N VAL C 132 -3.93 27.48 -14.17
CA VAL C 132 -4.58 27.73 -12.90
C VAL C 132 -5.65 28.80 -13.06
N CYS C 133 -6.72 28.65 -12.29
CA CYS C 133 -7.87 29.54 -12.29
C CYS C 133 -8.26 29.77 -10.83
N PHE C 134 -8.28 31.02 -10.38
CA PHE C 134 -8.74 31.36 -9.03
C PHE C 134 -10.18 31.87 -9.11
N LEU C 135 -11.06 31.31 -8.27
CA LEU C 135 -12.42 31.78 -8.09
C LEU C 135 -12.53 32.30 -6.66
N ASN C 136 -12.29 33.59 -6.48
CA ASN C 136 -12.06 34.15 -5.15
C ASN C 136 -13.24 34.95 -4.64
N ASN C 137 -13.54 34.79 -3.35
CA ASN C 137 -14.40 35.68 -2.56
C ASN C 137 -15.82 35.75 -3.10
N PHE C 138 -16.48 34.59 -3.09
CA PHE C 138 -17.85 34.41 -3.54
C PHE C 138 -18.68 33.79 -2.42
N TYR C 139 -20.00 33.80 -2.62
CA TYR C 139 -20.92 33.21 -1.66
C TYR C 139 -22.24 32.93 -2.36
N PRO C 140 -22.88 31.77 -2.14
CA PRO C 140 -22.61 30.68 -1.19
C PRO C 140 -21.49 29.72 -1.64
N LYS C 141 -21.22 28.67 -0.84
CA LYS C 141 -20.02 27.84 -1.04
C LYS C 141 -19.99 27.13 -2.40
N ASP C 142 -21.15 26.74 -2.92
CA ASP C 142 -21.20 25.79 -4.02
C ASP C 142 -20.87 26.50 -5.32
N ILE C 143 -20.03 25.85 -6.12
CA ILE C 143 -19.54 26.45 -7.36
C ILE C 143 -19.08 25.34 -8.27
N ASN C 144 -18.99 25.64 -9.56
CA ASN C 144 -18.56 24.67 -10.56
C ASN C 144 -17.62 25.36 -11.54
N VAL C 145 -16.57 24.66 -11.94
CA VAL C 145 -15.65 25.17 -12.94
C VAL C 145 -15.55 24.15 -14.05
N LYS C 146 -15.49 24.68 -15.27
CA LYS C 146 -15.44 23.89 -16.48
C LYS C 146 -14.28 24.44 -17.31
N TRP C 147 -13.39 23.54 -17.72
CA TRP C 147 -12.26 23.90 -18.53
C TRP C 147 -12.58 23.61 -19.99
N LYS C 148 -12.19 24.53 -20.87
CA LYS C 148 -12.34 24.32 -22.30
C LYS C 148 -10.96 24.49 -22.93
N ILE C 149 -10.65 23.65 -23.91
CA ILE C 149 -9.41 23.78 -24.69
C ILE C 149 -9.84 23.83 -26.15
N ASP C 150 -9.54 24.95 -26.82
CA ASP C 150 -10.00 25.21 -28.19
C ASP C 150 -11.51 24.99 -28.29
N GLY C 151 -12.24 25.46 -27.28
CA GLY C 151 -13.67 25.24 -27.23
C GLY C 151 -14.14 23.89 -26.70
N SER C 152 -13.34 22.83 -26.83
CA SER C 152 -13.67 21.53 -26.26
C SER C 152 -13.51 21.50 -24.74
N GLU C 153 -14.55 21.03 -24.05
CA GLU C 153 -14.48 20.80 -22.62
C GLU C 153 -13.50 19.69 -22.30
N ARG C 154 -12.73 19.88 -21.23
CA ARG C 154 -11.77 18.88 -20.78
C ARG C 154 -12.05 18.49 -19.34
N GLN C 155 -11.91 17.19 -19.05
CA GLN C 155 -12.27 16.64 -17.76
C GLN C 155 -11.07 16.08 -17.00
N ASN C 156 -10.24 15.30 -17.68
CA ASN C 156 -9.09 14.71 -17.04
C ASN C 156 -8.05 15.76 -16.68
N GLY C 157 -7.29 15.50 -15.62
CA GLY C 157 -6.18 16.37 -15.25
C GLY C 157 -6.55 17.61 -14.46
N VAL C 158 -7.78 17.70 -13.95
CA VAL C 158 -8.24 18.86 -13.20
C VAL C 158 -8.11 18.55 -11.72
N LEU C 159 -7.64 19.53 -10.95
CA LEU C 159 -7.70 19.40 -9.49
C LEU C 159 -8.15 20.71 -8.87
N ASN C 160 -9.03 20.57 -7.88
CA ASN C 160 -9.78 21.67 -7.29
C ASN C 160 -9.59 21.67 -5.78
N SER C 161 -9.51 22.85 -5.19
CA SER C 161 -9.33 22.96 -3.76
C SER C 161 -10.11 24.17 -3.27
N TRP C 162 -10.65 24.07 -2.05
CA TRP C 162 -11.60 25.03 -1.51
C TRP C 162 -11.10 25.58 -0.19
N THR C 163 -11.17 26.89 -0.02
CA THR C 163 -10.96 27.40 1.31
C THR C 163 -12.19 27.11 2.15
N ASP C 164 -11.99 27.12 3.46
CA ASP C 164 -13.14 27.26 4.32
C ASP C 164 -13.50 28.73 4.43
N GLN C 165 -14.66 29.00 5.02
CA GLN C 165 -15.20 30.36 5.11
C GLN C 165 -14.20 31.35 5.70
N ASP C 166 -14.02 32.46 5.01
CA ASP C 166 -13.16 33.52 5.53
C ASP C 166 -13.74 34.10 6.81
N SER C 167 -12.86 34.44 7.75
CA SER C 167 -13.34 34.89 9.05
C SER C 167 -13.56 36.39 9.06
N LYS C 168 -13.10 37.09 8.04
CA LYS C 168 -13.33 38.53 7.91
C LYS C 168 -14.61 38.79 7.10
N ASP C 169 -14.66 38.33 5.85
CA ASP C 169 -15.75 38.70 4.95
C ASP C 169 -16.73 37.57 4.70
N SER C 170 -16.58 36.44 5.37
CA SER C 170 -17.42 35.26 5.22
C SER C 170 -17.56 34.76 3.78
N THR C 171 -16.53 34.91 2.94
CA THR C 171 -16.63 34.33 1.61
C THR C 171 -15.88 33.00 1.50
N TYR C 172 -16.07 32.34 0.36
CA TYR C 172 -15.34 31.14 -0.01
C TYR C 172 -14.46 31.44 -1.20
N SER C 173 -13.44 30.59 -1.41
CA SER C 173 -12.58 30.69 -2.57
C SER C 173 -12.19 29.30 -3.04
N MET C 174 -11.69 29.22 -4.27
CA MET C 174 -11.50 27.92 -4.87
C MET C 174 -10.49 28.01 -6.01
N SER C 175 -9.48 27.16 -5.98
CA SER C 175 -8.46 27.16 -7.02
C SER C 175 -8.65 25.92 -7.90
N SER C 176 -8.56 26.14 -9.21
CA SER C 176 -8.68 25.07 -10.20
C SER C 176 -7.38 25.00 -10.99
N THR C 177 -6.71 23.86 -10.90
CA THR C 177 -5.47 23.62 -11.62
C THR C 177 -5.69 22.46 -12.59
N LEU C 178 -5.65 22.77 -13.89
CA LEU C 178 -5.62 21.75 -14.93
C LEU C 178 -4.17 21.57 -15.32
N THR C 179 -3.68 20.34 -15.27
CA THR C 179 -2.27 20.08 -15.53
C THR C 179 -2.10 19.21 -16.79
N LEU C 180 -1.22 19.65 -17.69
CA LEU C 180 -0.90 18.94 -18.93
C LEU C 180 0.61 18.84 -19.11
N THR C 181 0.98 18.04 -20.11
CA THR C 181 2.35 17.96 -20.60
C THR C 181 2.76 19.24 -21.33
N LYS C 182 4.07 19.51 -21.31
CA LYS C 182 4.62 20.52 -22.21
C LYS C 182 4.18 20.29 -23.65
N ASP C 183 3.85 19.05 -24.01
CA ASP C 183 3.63 18.65 -25.40
C ASP C 183 2.16 18.68 -25.79
N GLU C 184 1.26 18.28 -24.89
CA GLU C 184 -0.15 18.50 -25.16
C GLU C 184 -0.56 19.94 -24.94
N TYR C 185 0.19 20.68 -24.13
CA TYR C 185 -0.08 22.11 -23.98
C TYR C 185 0.20 22.83 -25.29
N GLU C 186 1.35 22.55 -25.88
CA GLU C 186 1.74 23.27 -27.08
C GLU C 186 0.95 22.82 -28.30
N ARG C 187 0.41 21.59 -28.27
CA ARG C 187 -0.55 21.12 -29.28
C ARG C 187 -1.67 22.13 -29.52
N HIS C 188 -2.38 22.55 -28.46
CA HIS C 188 -3.58 23.35 -28.58
C HIS C 188 -3.30 24.83 -28.33
N ASN C 189 -4.35 25.65 -28.41
CA ASN C 189 -4.14 27.11 -28.39
C ASN C 189 -5.01 27.88 -27.39
N SER C 190 -6.30 27.59 -27.28
CA SER C 190 -7.19 28.45 -26.52
C SER C 190 -7.61 27.75 -25.22
N TYR C 191 -7.27 28.37 -24.09
CA TYR C 191 -7.51 27.79 -22.78
C TYR C 191 -8.49 28.66 -22.00
N THR C 192 -9.55 28.05 -21.47
CA THR C 192 -10.64 28.82 -20.87
C THR C 192 -11.12 28.12 -19.61
N CYS C 193 -11.23 28.85 -18.49
CA CYS C 193 -12.01 28.37 -17.36
C CYS C 193 -13.33 29.14 -17.28
N GLU C 194 -14.43 28.38 -17.18
CA GLU C 194 -15.77 28.88 -16.96
C GLU C 194 -16.21 28.64 -15.52
N ALA C 195 -16.65 29.70 -14.86
CA ALA C 195 -17.12 29.66 -13.47
C ALA C 195 -18.62 29.82 -13.44
N THR C 196 -19.34 28.80 -13.00
CA THR C 196 -20.80 28.85 -12.90
C THR C 196 -21.21 28.82 -11.44
N HIS C 197 -21.92 29.85 -11.02
CA HIS C 197 -22.25 30.09 -9.62
C HIS C 197 -23.67 30.60 -9.54
N LYS C 198 -24.34 30.30 -8.44
CA LYS C 198 -25.76 30.60 -8.30
C LYS C 198 -26.08 32.08 -8.45
N THR C 199 -25.09 32.97 -8.22
CA THR C 199 -25.29 34.40 -8.39
C THR C 199 -25.74 34.76 -9.81
N SER C 200 -25.32 33.99 -10.82
CA SER C 200 -25.38 34.42 -12.21
C SER C 200 -25.75 33.22 -13.07
N THR C 201 -26.71 33.42 -13.97
CA THR C 201 -27.06 32.34 -14.89
C THR C 201 -25.93 32.08 -15.88
N SER C 202 -25.51 33.12 -16.61
CA SER C 202 -24.31 33.04 -17.43
C SER C 202 -23.06 32.81 -16.57
N PRO C 203 -22.14 31.96 -17.02
CA PRO C 203 -20.88 31.77 -16.30
C PRO C 203 -19.88 32.89 -16.58
N ILE C 204 -19.01 33.15 -15.59
CA ILE C 204 -17.90 34.10 -15.73
C ILE C 204 -16.74 33.40 -16.42
N VAL C 205 -16.40 33.87 -17.63
CA VAL C 205 -15.41 33.25 -18.49
C VAL C 205 -14.12 34.06 -18.48
N LYS C 206 -12.99 33.36 -18.38
CA LYS C 206 -11.66 33.94 -18.56
C LYS C 206 -10.83 33.01 -19.42
N SER C 207 -10.03 33.59 -20.32
CA SER C 207 -9.32 32.79 -21.30
C SER C 207 -8.07 33.52 -21.72
N PHE C 208 -7.17 32.76 -22.35
CA PHE C 208 -5.95 33.33 -22.89
C PHE C 208 -5.49 32.44 -24.04
N ASN C 209 -4.67 33.02 -24.91
CA ASN C 209 -3.98 32.30 -25.98
C ASN C 209 -2.47 32.48 -25.85
N ARG C 210 -1.72 31.49 -26.31
CA ARG C 210 -0.25 31.49 -26.25
C ARG C 210 0.36 32.34 -27.36
N ASN C 211 -0.08 33.59 -27.44
CA ASN C 211 0.36 34.49 -28.50
C ASN C 211 0.34 35.93 -27.99
N GLU D 1 -5.43 25.25 35.48
CA GLU D 1 -6.66 24.59 35.07
C GLU D 1 -6.34 23.11 34.72
N VAL D 2 -7.35 22.35 34.28
CA VAL D 2 -7.14 21.02 33.73
C VAL D 2 -6.49 21.13 32.36
N GLN D 3 -5.34 20.46 32.18
CA GLN D 3 -4.65 20.48 30.90
C GLN D 3 -4.25 19.07 30.47
N LEU D 4 -4.42 18.81 29.17
CA LEU D 4 -4.00 17.58 28.48
C LEU D 4 -3.25 17.97 27.21
N VAL D 5 -2.02 17.50 27.07
CA VAL D 5 -1.18 17.88 25.93
C VAL D 5 -0.65 16.60 25.27
N GLU D 6 -1.18 16.26 24.10
CA GLU D 6 -0.67 15.13 23.33
C GLU D 6 0.64 15.50 22.63
N SER D 7 1.39 14.47 22.27
CA SER D 7 2.71 14.67 21.69
C SER D 7 3.16 13.34 21.09
N GLY D 8 4.11 13.43 20.16
CA GLY D 8 4.73 12.26 19.57
C GLY D 8 4.30 11.94 18.16
N GLY D 9 3.31 12.60 17.60
CA GLY D 9 2.93 12.37 16.22
C GLY D 9 4.06 12.64 15.24
N GLY D 10 3.92 12.07 14.05
CA GLY D 10 4.93 12.18 13.02
C GLY D 10 4.52 11.38 11.80
N LEU D 11 5.48 11.25 10.88
CA LEU D 11 5.27 10.47 9.65
C LEU D 11 5.83 9.07 9.83
N VAL D 12 5.07 8.08 9.38
CA VAL D 12 5.42 6.66 9.57
C VAL D 12 5.06 5.89 8.31
N LYS D 13 5.93 4.94 7.94
CA LYS D 13 5.61 4.06 6.81
C LYS D 13 4.61 2.99 7.24
N PRO D 14 3.76 2.51 6.31
CA PRO D 14 2.81 1.44 6.65
C PRO D 14 3.52 0.24 7.25
N GLY D 15 2.88 -0.38 8.23
CA GLY D 15 3.50 -1.47 8.95
C GLY D 15 4.46 -1.03 10.04
N GLY D 16 4.71 0.27 10.17
CA GLY D 16 5.58 0.77 11.21
C GLY D 16 4.85 0.96 12.53
N SER D 17 5.62 1.44 13.50
CA SER D 17 5.19 1.64 14.89
C SER D 17 5.42 3.08 15.31
N LEU D 18 4.69 3.50 16.34
CA LEU D 18 4.83 4.85 16.89
C LEU D 18 4.10 4.90 18.23
N LYS D 19 4.71 5.57 19.20
CA LYS D 19 4.13 5.70 20.54
C LYS D 19 3.72 7.14 20.81
N LEU D 20 2.43 7.36 20.99
CA LEU D 20 1.93 8.68 21.38
C LEU D 20 1.92 8.82 22.88
N SER D 21 2.17 10.04 23.33
CA SER D 21 2.17 10.39 24.74
C SER D 21 1.11 11.45 24.98
N CYS D 22 0.74 11.58 26.26
CA CYS D 22 -0.17 12.63 26.67
C CYS D 22 0.11 12.95 28.12
N THR D 23 0.53 14.17 28.40
CA THR D 23 0.90 14.56 29.75
C THR D 23 -0.24 15.36 30.35
N ALA D 24 -0.72 14.93 31.52
CA ALA D 24 -1.86 15.58 32.17
C ALA D 24 -1.36 16.48 33.29
N SER D 25 -2.11 17.55 33.53
CA SER D 25 -1.75 18.42 34.64
C SER D 25 -3.00 19.15 35.11
N GLY D 26 -2.90 19.68 36.33
CA GLY D 26 -3.98 20.49 36.88
C GLY D 26 -5.10 19.71 37.52
N PHE D 27 -4.90 18.42 37.80
CA PHE D 27 -5.94 17.59 38.38
C PHE D 27 -5.30 16.26 38.74
N ALA D 28 -6.02 15.47 39.54
CA ALA D 28 -5.55 14.20 40.09
C ALA D 28 -5.61 13.12 39.02
N PHE D 29 -4.55 13.01 38.22
CA PHE D 29 -4.56 12.15 37.05
C PHE D 29 -4.95 10.71 37.41
N SER D 30 -4.40 10.17 38.49
CA SER D 30 -4.69 8.79 38.89
C SER D 30 -6.14 8.55 39.34
N ASP D 31 -7.00 9.57 39.42
CA ASP D 31 -8.41 9.39 39.72
C ASP D 31 -9.28 9.18 38.49
N TYR D 32 -8.74 9.32 37.27
CA TYR D 32 -9.57 9.46 36.06
C TYR D 32 -9.26 8.36 35.05
N ASP D 33 -10.30 7.67 34.61
CA ASP D 33 -10.20 6.92 33.37
C ASP D 33 -9.89 7.87 32.21
N MET D 34 -9.11 7.37 31.25
CA MET D 34 -8.61 8.17 30.13
C MET D 34 -8.80 7.41 28.83
N SER D 35 -9.02 8.16 27.74
CA SER D 35 -9.20 7.56 26.42
C SER D 35 -8.33 8.28 25.39
N TRP D 36 -8.07 7.58 24.29
CA TRP D 36 -7.54 8.16 23.06
C TRP D 36 -8.69 8.19 22.05
N VAL D 37 -8.93 9.37 21.47
CA VAL D 37 -9.91 9.55 20.41
C VAL D 37 -9.21 10.17 19.21
N ARG D 38 -9.56 9.71 18.01
CA ARG D 38 -8.99 10.27 16.79
C ARG D 38 -10.06 10.92 15.92
N GLN D 39 -9.64 11.88 15.11
CA GLN D 39 -10.50 12.49 14.09
C GLN D 39 -9.97 12.07 12.72
N THR D 40 -10.83 11.41 11.94
CA THR D 40 -10.47 10.92 10.61
C THR D 40 -10.54 12.03 9.55
N PRO D 41 -9.90 11.83 8.40
CA PRO D 41 -9.95 12.86 7.34
C PRO D 41 -11.36 13.26 6.91
N GLU D 42 -12.31 12.34 6.99
CA GLU D 42 -13.71 12.64 6.75
C GLU D 42 -14.38 13.34 7.93
N LYS D 43 -13.59 13.72 8.96
CA LYS D 43 -14.06 14.50 10.11
C LYS D 43 -15.05 13.72 10.99
N ARG D 44 -14.89 12.41 11.06
CA ARG D 44 -15.56 11.58 12.05
C ARG D 44 -14.70 11.49 13.31
N LEU D 45 -15.36 11.49 14.48
CA LEU D 45 -14.66 11.22 15.74
C LEU D 45 -14.71 9.72 16.04
N GLU D 46 -13.55 9.14 16.30
CA GLU D 46 -13.42 7.68 16.43
C GLU D 46 -12.69 7.35 17.72
N TRP D 47 -13.41 6.70 18.64
CA TRP D 47 -12.84 6.15 19.86
C TRP D 47 -11.78 5.10 19.56
N VAL D 48 -10.58 5.27 20.12
CA VAL D 48 -9.43 4.45 19.76
C VAL D 48 -9.00 3.52 20.90
N ALA D 49 -8.99 4.00 22.14
CA ALA D 49 -8.54 3.16 23.26
C ALA D 49 -8.97 3.77 24.58
N PHE D 50 -9.25 2.89 25.55
CA PHE D 50 -9.71 3.28 26.88
C PHE D 50 -8.84 2.61 27.93
N ILE D 51 -8.54 3.32 29.01
CA ILE D 51 -7.87 2.72 30.15
C ILE D 51 -8.43 3.29 31.45
N SER D 52 -8.68 2.41 32.43
CA SER D 52 -9.19 2.85 33.73
C SER D 52 -8.10 3.62 34.49
N ASN D 53 -8.55 4.34 35.54
CA ASN D 53 -7.67 5.25 36.27
C ASN D 53 -6.45 4.52 36.85
N GLY D 54 -6.63 3.29 37.32
CA GLY D 54 -5.53 2.49 37.83
C GLY D 54 -4.88 1.56 36.83
N GLY D 55 -5.33 1.58 35.57
CA GLY D 55 -4.78 0.73 34.51
C GLY D 55 -5.32 -0.68 34.48
N TYR D 56 -6.30 -1.01 35.33
CA TYR D 56 -6.79 -2.38 35.46
C TYR D 56 -7.58 -2.83 34.23
N SER D 57 -8.46 -1.98 33.73
CA SER D 57 -9.29 -2.35 32.59
C SER D 57 -8.90 -1.56 31.35
N THR D 58 -9.24 -2.13 30.21
CA THR D 58 -8.80 -1.55 28.96
C THR D 58 -9.83 -1.95 27.91
N TYR D 59 -9.98 -1.12 26.88
CA TYR D 59 -10.91 -1.37 25.78
C TYR D 59 -10.36 -0.81 24.47
N TYR D 60 -10.59 -1.59 23.39
CA TYR D 60 -10.20 -1.23 22.03
C TYR D 60 -11.34 -1.63 21.09
N PRO D 61 -11.76 -0.73 20.19
CA PRO D 61 -12.65 -1.16 19.11
C PRO D 61 -11.91 -2.10 18.15
N ASP D 62 -12.69 -2.83 17.36
CA ASP D 62 -12.10 -3.86 16.50
C ASP D 62 -11.11 -3.27 15.50
N THR D 63 -11.31 -2.03 15.07
CA THR D 63 -10.46 -1.43 14.04
C THR D 63 -8.99 -1.37 14.44
N VAL D 64 -8.67 -1.51 15.72
CA VAL D 64 -7.29 -1.32 16.16
C VAL D 64 -6.94 -2.39 17.17
N LYS D 65 -7.91 -3.22 17.49
CA LYS D 65 -7.68 -4.25 18.49
C LYS D 65 -6.60 -5.23 18.01
N GLY D 66 -5.61 -5.45 18.85
CA GLY D 66 -4.50 -6.28 18.48
C GLY D 66 -3.31 -5.51 17.93
N ARG D 67 -3.49 -4.24 17.56
CA ARG D 67 -2.39 -3.41 17.06
C ARG D 67 -2.01 -2.27 17.98
N PHE D 68 -2.95 -1.75 18.78
CA PHE D 68 -2.71 -0.62 19.66
C PHE D 68 -2.72 -1.10 21.11
N THR D 69 -1.93 -0.45 21.96
CA THR D 69 -1.88 -0.77 23.38
C THR D 69 -1.81 0.53 24.18
N ILE D 70 -2.79 0.74 25.05
CA ILE D 70 -2.88 1.95 25.86
C ILE D 70 -2.31 1.65 27.24
N SER D 71 -1.64 2.62 27.85
CA SER D 71 -1.00 2.39 29.13
C SER D 71 -0.80 3.73 29.84
N ARG D 72 -0.63 3.66 31.17
CA ARG D 72 -0.46 4.85 32.00
C ARG D 72 0.71 4.70 32.95
N ASP D 73 1.42 5.80 33.13
CA ASP D 73 2.34 5.97 34.23
C ASP D 73 1.76 7.10 35.09
N ASN D 74 1.02 6.73 36.14
CA ASN D 74 0.30 7.73 36.94
C ASN D 74 1.26 8.65 37.70
N ALA D 75 2.36 8.11 38.22
CA ALA D 75 3.32 8.97 38.89
C ALA D 75 3.96 9.97 37.93
N GLU D 76 3.91 9.71 36.63
CA GLU D 76 4.43 10.63 35.63
C GLU D 76 3.33 11.42 34.93
N ASN D 77 2.08 11.24 35.37
CA ASN D 77 0.93 11.98 34.81
C ASN D 77 0.88 11.84 33.29
N THR D 78 1.07 10.63 32.80
CA THR D 78 1.17 10.40 31.37
C THR D 78 0.36 9.20 30.92
N LEU D 79 -0.50 9.43 29.93
CA LEU D 79 -1.14 8.39 29.16
C LEU D 79 -0.33 8.11 27.87
N TYR D 80 -0.39 6.86 27.39
CA TYR D 80 0.41 6.40 26.26
C TYR D 80 -0.44 5.67 25.24
N LEU D 81 -0.01 5.72 23.98
CA LEU D 81 -0.62 4.90 22.94
C LEU D 81 0.48 4.28 22.08
N GLN D 82 0.71 2.99 22.25
CA GLN D 82 1.68 2.27 21.42
C GLN D 82 0.95 1.74 20.21
N MET D 83 1.34 2.21 19.02
CA MET D 83 0.71 1.72 17.82
C MET D 83 1.69 0.84 17.05
N SER D 84 1.16 -0.15 16.34
CA SER D 84 1.99 -1.03 15.53
C SER D 84 1.21 -1.43 14.30
N SER D 85 1.93 -1.97 13.30
CA SER D 85 1.35 -2.36 12.00
C SER D 85 0.46 -1.23 11.48
N LEU D 86 1.02 -0.05 11.45
CA LEU D 86 0.24 1.13 11.14
C LEU D 86 -0.25 1.08 9.71
N LYS D 87 -1.48 1.54 9.51
CA LYS D 87 -2.14 1.53 8.22
C LYS D 87 -2.48 2.95 7.84
N SER D 88 -2.44 3.23 6.54
CA SER D 88 -2.77 4.57 6.06
C SER D 88 -4.13 5.02 6.61
N GLU D 89 -5.06 4.09 6.78
CA GLU D 89 -6.33 4.40 7.44
C GLU D 89 -6.17 4.83 8.90
N ASP D 90 -5.01 4.61 9.52
CA ASP D 90 -4.81 5.15 10.85
C ASP D 90 -4.49 6.64 10.82
N THR D 91 -4.29 7.22 9.64
CA THR D 91 -3.90 8.62 9.51
C THR D 91 -5.00 9.50 10.09
N ALA D 92 -4.66 10.26 11.11
CA ALA D 92 -5.65 10.99 11.87
C ALA D 92 -4.93 11.93 12.81
N ILE D 93 -5.68 12.91 13.32
CA ILE D 93 -5.30 13.62 14.53
C ILE D 93 -5.71 12.77 15.71
N TYR D 94 -4.79 12.56 16.65
CA TYR D 94 -5.12 11.78 17.83
C TYR D 94 -5.29 12.70 19.04
N TYR D 95 -6.40 12.52 19.76
CA TYR D 95 -6.69 13.29 20.97
C TYR D 95 -6.69 12.43 22.24
N CYS D 96 -6.21 13.03 23.30
CA CYS D 96 -6.24 12.53 24.67
C CYS D 96 -7.50 13.08 25.34
N ALA D 97 -8.26 12.22 26.03
CA ALA D 97 -9.55 12.66 26.58
C ALA D 97 -9.85 12.06 27.96
N ARG D 98 -10.45 12.89 28.83
CA ARG D 98 -10.67 12.51 30.22
C ARG D 98 -12.13 12.09 30.43
N GLN D 99 -12.30 11.02 31.22
CA GLN D 99 -13.61 10.42 31.46
C GLN D 99 -13.81 10.29 32.96
N GLY D 100 -14.16 11.40 33.62
CA GLY D 100 -14.67 11.33 34.98
C GLY D 100 -15.95 10.53 35.04
N LEU D 101 -16.91 10.85 34.18
CA LEU D 101 -18.00 9.94 33.85
C LEU D 101 -17.73 9.39 32.46
N ARG D 102 -18.68 8.62 31.92
CA ARG D 102 -18.38 7.94 30.68
C ARG D 102 -18.22 8.92 29.51
N TYR D 103 -18.90 10.06 29.55
CA TYR D 103 -18.69 11.04 28.50
C TYR D 103 -17.37 11.79 28.73
N PHE D 104 -16.70 12.15 27.62
CA PHE D 104 -15.45 12.90 27.71
C PHE D 104 -15.73 14.33 28.15
N ASP D 105 -14.94 14.85 29.11
CA ASP D 105 -15.12 16.23 29.57
C ASP D 105 -13.91 17.15 29.36
N TYR D 106 -12.76 16.64 28.95
CA TYR D 106 -11.62 17.49 28.61
C TYR D 106 -10.80 16.80 27.52
N TRP D 107 -10.35 17.60 26.56
CA TRP D 107 -9.51 17.08 25.48
C TRP D 107 -8.22 17.89 25.36
N GLY D 108 -7.18 17.26 24.82
CA GLY D 108 -6.02 18.01 24.40
C GLY D 108 -6.25 18.63 23.03
N LEU D 109 -5.22 19.32 22.53
CA LEU D 109 -5.32 19.95 21.22
C LEU D 109 -5.09 18.98 20.06
N GLY D 110 -4.59 17.78 20.34
CA GLY D 110 -4.38 16.76 19.34
C GLY D 110 -2.93 16.65 18.89
N THR D 111 -2.60 15.51 18.30
CA THR D 111 -1.31 15.27 17.69
C THR D 111 -1.56 14.49 16.40
N THR D 112 -0.77 14.77 15.38
CA THR D 112 -1.10 14.33 14.03
C THR D 112 -0.24 13.14 13.66
N LEU D 113 -0.90 12.07 13.23
CA LEU D 113 -0.20 10.91 12.69
C LEU D 113 -0.53 10.83 11.21
N THR D 114 0.48 10.59 10.37
CA THR D 114 0.24 10.35 8.95
C THR D 114 1.01 9.09 8.55
N VAL D 115 0.30 8.12 7.98
CA VAL D 115 0.88 6.84 7.56
C VAL D 115 0.93 6.81 6.04
N SER D 116 2.14 6.75 5.50
CA SER D 116 2.32 6.86 4.06
C SER D 116 3.62 6.19 3.67
N SER D 117 3.63 5.56 2.51
CA SER D 117 4.92 5.12 1.97
C SER D 117 5.64 6.21 1.18
N ALA D 118 4.95 7.33 0.88
CA ALA D 118 5.50 8.35 -0.01
C ALA D 118 6.82 8.93 0.50
N LYS D 119 7.68 9.27 -0.44
CA LYS D 119 9.00 9.78 -0.12
C LYS D 119 8.95 11.29 0.09
N THR D 120 9.80 11.78 1.00
CA THR D 120 9.90 13.21 1.24
C THR D 120 10.46 13.90 0.01
N THR D 121 9.72 14.90 -0.49
CA THR D 121 10.03 15.53 -1.76
C THR D 121 9.89 17.04 -1.63
N PRO D 122 10.90 17.80 -2.04
CA PRO D 122 10.79 19.26 -2.00
C PRO D 122 9.79 19.74 -3.02
N PRO D 123 9.19 20.91 -2.80
CA PRO D 123 8.27 21.47 -3.79
C PRO D 123 8.99 22.16 -4.95
N SER D 124 8.33 22.16 -6.09
CA SER D 124 8.63 23.10 -7.16
C SER D 124 7.71 24.31 -7.02
N VAL D 125 8.28 25.50 -7.16
CA VAL D 125 7.55 26.75 -6.92
C VAL D 125 7.52 27.58 -8.21
N TYR D 126 6.32 27.75 -8.78
CA TYR D 126 6.12 28.47 -10.04
C TYR D 126 5.34 29.76 -9.83
N PRO D 127 5.78 30.85 -10.47
CA PRO D 127 5.03 32.11 -10.39
C PRO D 127 3.75 32.04 -11.20
N LEU D 128 2.73 32.76 -10.75
CA LEU D 128 1.48 32.91 -11.48
C LEU D 128 1.32 34.39 -11.82
N ALA D 129 1.54 34.74 -13.09
CA ALA D 129 1.36 36.12 -13.53
C ALA D 129 0.27 36.19 -14.60
N PRO D 130 -0.53 37.26 -14.60
CA PRO D 130 -1.67 37.33 -15.52
C PRO D 130 -1.22 37.31 -16.96
N GLY D 131 -2.08 36.75 -17.80
CA GLY D 131 -1.71 36.49 -19.19
C GLY D 131 -1.31 37.75 -19.94
N SER D 132 -0.44 37.55 -20.93
CA SER D 132 0.15 38.56 -21.81
C SER D 132 -0.68 39.83 -22.03
N ALA D 133 -0.57 40.76 -21.07
CA ALA D 133 -1.39 41.97 -21.00
C ALA D 133 -2.80 41.64 -21.43
N ALA D 134 -3.31 40.53 -20.92
CA ALA D 134 -4.64 40.06 -21.31
C ALA D 134 -5.67 41.16 -21.12
N GLN D 135 -5.79 41.66 -19.89
CA GLN D 135 -6.67 42.78 -19.60
C GLN D 135 -6.27 43.42 -18.28
N THR D 136 -6.15 44.74 -18.30
CA THR D 136 -5.82 45.51 -17.11
C THR D 136 -7.10 45.96 -16.40
N ASN D 137 -6.97 46.21 -15.10
CA ASN D 137 -8.10 46.37 -14.19
C ASN D 137 -7.63 47.23 -13.02
N SER D 138 -8.59 47.72 -12.23
CA SER D 138 -8.24 48.45 -11.01
C SER D 138 -7.43 47.61 -10.03
N MET D 139 -7.57 46.29 -10.06
CA MET D 139 -6.83 45.43 -9.14
C MET D 139 -6.41 44.14 -9.84
N VAL D 140 -5.19 43.69 -9.53
CA VAL D 140 -4.58 42.53 -10.16
C VAL D 140 -4.32 41.43 -9.15
N THR D 141 -4.64 40.20 -9.51
CA THR D 141 -4.38 39.06 -8.65
C THR D 141 -3.27 38.21 -9.24
N LEU D 142 -2.29 37.86 -8.40
CA LEU D 142 -1.17 37.03 -8.72
C LEU D 142 -1.17 35.80 -7.82
N GLY D 143 -0.32 34.84 -8.14
CA GLY D 143 -0.26 33.67 -7.31
C GLY D 143 1.04 32.91 -7.46
N CYS D 144 1.18 31.85 -6.68
N CYS D 144 1.13 31.84 -6.68
CA CYS D 144 2.27 30.94 -7.02
CA CYS D 144 2.21 30.89 -6.78
C CYS D 144 1.85 29.51 -6.70
C CYS D 144 1.62 29.49 -6.83
N LEU D 145 2.26 28.61 -7.61
CA LEU D 145 1.89 27.21 -7.64
C LEU D 145 3.01 26.44 -6.95
N VAL D 146 2.66 25.69 -5.91
CA VAL D 146 3.62 24.93 -5.12
C VAL D 146 3.31 23.46 -5.37
N LYS D 147 4.21 22.77 -6.05
CA LYS D 147 3.85 21.50 -6.67
C LYS D 147 4.82 20.38 -6.28
N GLY D 148 4.27 19.17 -6.26
CA GLY D 148 5.02 17.94 -6.02
C GLY D 148 5.81 17.81 -4.73
N TYR D 149 5.21 18.11 -3.57
CA TYR D 149 5.92 17.99 -2.31
C TYR D 149 5.26 16.94 -1.42
N PHE D 150 6.06 16.41 -0.51
CA PHE D 150 5.61 15.49 0.52
C PHE D 150 6.61 15.55 1.66
N PRO D 151 6.16 15.52 2.93
CA PRO D 151 4.77 15.58 3.41
C PRO D 151 4.26 17.01 3.66
N GLU D 152 3.05 17.13 4.22
CA GLU D 152 2.56 18.41 4.69
C GLU D 152 3.33 18.85 5.93
N PRO D 153 3.42 20.16 6.19
CA PRO D 153 2.86 21.27 5.42
C PRO D 153 3.94 22.06 4.66
N VAL D 154 3.49 23.02 3.86
CA VAL D 154 4.35 24.14 3.46
C VAL D 154 3.68 25.39 4.00
N THR D 155 4.49 26.42 4.27
CA THR D 155 3.95 27.73 4.59
C THR D 155 4.19 28.70 3.41
N VAL D 156 3.19 29.53 3.12
CA VAL D 156 3.26 30.52 2.04
C VAL D 156 2.97 31.88 2.62
N THR D 157 3.92 32.78 2.49
CA THR D 157 3.83 34.18 2.87
C THR D 157 4.02 35.02 1.60
N TRP D 158 3.58 36.27 1.61
CA TRP D 158 3.82 37.19 0.48
C TRP D 158 4.56 38.43 0.94
N ASN D 159 5.66 38.75 0.27
CA ASN D 159 6.54 39.87 0.66
C ASN D 159 6.86 39.79 2.15
N SER D 160 7.22 38.58 2.59
CA SER D 160 7.75 38.34 3.94
C SER D 160 6.72 38.59 5.02
N GLY D 161 5.45 38.71 4.66
CA GLY D 161 4.41 39.05 5.60
C GLY D 161 3.84 40.44 5.46
N SER D 162 4.30 41.25 4.50
CA SER D 162 3.77 42.60 4.45
C SER D 162 2.43 42.64 3.74
N LEU D 163 2.21 41.73 2.81
CA LEU D 163 0.88 41.47 2.31
C LEU D 163 0.30 40.29 3.08
N SER D 164 -0.72 40.57 3.87
CA SER D 164 -1.56 39.61 4.55
C SER D 164 -3.00 39.75 4.09
N SER D 165 -3.39 40.94 3.66
CA SER D 165 -4.74 41.14 3.17
C SER D 165 -4.83 40.68 1.73
N GLY D 166 -6.01 40.17 1.38
CA GLY D 166 -6.18 39.64 0.04
C GLY D 166 -5.26 38.51 -0.33
N VAL D 167 -4.86 37.68 0.64
CA VAL D 167 -4.12 36.46 0.39
C VAL D 167 -5.03 35.26 0.61
N HIS D 168 -5.22 34.46 -0.43
CA HIS D 168 -5.90 33.19 -0.33
C HIS D 168 -4.88 32.08 -0.56
N THR D 169 -4.53 31.36 0.48
CA THR D 169 -3.72 30.16 0.35
C THR D 169 -4.64 28.96 0.50
N PHE D 170 -4.67 28.14 -0.51
CA PHE D 170 -5.60 27.05 -0.75
C PHE D 170 -5.10 25.74 -0.12
N PRO D 171 -5.99 24.88 0.34
CA PRO D 171 -5.55 23.61 0.90
C PRO D 171 -4.90 22.73 -0.15
N ALA D 172 -3.86 22.02 0.28
CA ALA D 172 -3.14 21.10 -0.57
C ALA D 172 -4.01 19.90 -0.94
N VAL D 173 -3.87 19.44 -2.18
CA VAL D 173 -4.55 18.24 -2.66
C VAL D 173 -3.50 17.20 -3.00
N LEU D 174 -3.86 15.94 -2.83
CA LEU D 174 -2.97 14.84 -3.16
C LEU D 174 -3.12 14.48 -4.62
N GLN D 175 -2.00 14.28 -5.29
CA GLN D 175 -1.96 13.75 -6.66
C GLN D 175 -0.69 12.90 -6.78
N SER D 176 -0.86 11.59 -6.76
CA SER D 176 0.18 10.64 -7.18
C SER D 176 1.33 10.63 -6.18
N ASP D 177 0.97 10.48 -4.90
CA ASP D 177 1.85 10.49 -3.74
C ASP D 177 2.33 11.87 -3.38
N LEU D 178 1.92 12.93 -4.07
CA LEU D 178 2.51 14.24 -3.86
C LEU D 178 1.40 15.28 -3.74
N TYR D 179 1.72 16.35 -3.00
CA TYR D 179 0.75 17.42 -2.74
C TYR D 179 1.03 18.61 -3.66
N THR D 180 -0.05 19.25 -4.09
CA THR D 180 0.05 20.53 -4.80
C THR D 180 -0.85 21.56 -4.13
N LEU D 181 -0.32 22.77 -4.00
CA LEU D 181 -1.00 23.85 -3.34
C LEU D 181 -0.80 25.11 -4.18
N SER D 182 -1.72 26.05 -4.07
CA SER D 182 -1.54 27.38 -4.67
C SER D 182 -1.92 28.45 -3.65
N SER D 183 -1.44 29.65 -3.92
CA SER D 183 -1.70 30.80 -3.09
C SER D 183 -2.01 32.00 -3.98
N SER D 184 -3.00 32.79 -3.56
CA SER D 184 -3.49 33.93 -4.31
C SER D 184 -3.23 35.20 -3.53
N VAL D 185 -2.79 36.24 -4.23
CA VAL D 185 -2.64 37.56 -3.64
C VAL D 185 -3.24 38.59 -4.58
N THR D 186 -4.09 39.46 -4.05
CA THR D 186 -4.72 40.53 -4.83
C THR D 186 -4.30 41.88 -4.28
N VAL D 187 -3.67 42.68 -5.12
CA VAL D 187 -3.10 43.99 -4.79
C VAL D 187 -3.61 45.02 -5.79
N PRO D 188 -3.73 46.31 -5.43
CA PRO D 188 -4.11 47.34 -6.40
C PRO D 188 -3.20 47.36 -7.60
N SER D 189 -3.78 47.56 -8.80
CA SER D 189 -2.95 47.43 -9.99
C SER D 189 -1.94 48.56 -10.12
N SER D 190 -2.11 49.64 -9.35
CA SER D 190 -1.04 50.62 -9.23
C SER D 190 0.18 50.01 -8.56
N THR D 191 -0.04 49.21 -7.51
CA THR D 191 1.05 48.59 -6.74
C THR D 191 2.02 47.78 -7.60
N TRP D 192 1.52 47.09 -8.64
CA TRP D 192 2.28 46.08 -9.35
C TRP D 192 2.08 46.23 -10.84
N PRO D 193 3.15 46.03 -11.66
CA PRO D 193 4.50 45.66 -11.25
C PRO D 193 5.39 46.82 -10.91
N SER D 194 4.83 47.91 -10.40
CA SER D 194 5.66 49.03 -10.01
C SER D 194 6.55 48.64 -8.84
N GLU D 195 6.04 47.80 -7.95
CA GLU D 195 6.81 47.27 -6.84
C GLU D 195 6.72 45.75 -6.86
N THR D 196 7.67 45.12 -6.18
CA THR D 196 7.87 43.69 -6.30
C THR D 196 6.93 42.92 -5.38
N VAL D 197 6.38 41.85 -5.92
CA VAL D 197 5.58 40.89 -5.17
C VAL D 197 6.28 39.55 -5.21
N THR D 198 6.59 38.98 -4.05
CA THR D 198 7.39 37.76 -3.94
C THR D 198 6.66 36.79 -3.00
N CYS D 199 6.40 35.57 -3.47
CA CYS D 199 5.93 34.54 -2.55
C CYS D 199 7.11 33.78 -1.98
N ASN D 200 7.20 33.77 -0.64
CA ASN D 200 8.19 33.02 0.13
C ASN D 200 7.54 31.72 0.58
N VAL D 201 8.05 30.61 0.06
CA VAL D 201 7.55 29.27 0.35
C VAL D 201 8.58 28.54 1.21
N ALA D 202 8.11 27.79 2.19
CA ALA D 202 8.94 26.99 3.07
C ALA D 202 8.39 25.57 3.15
N HIS D 203 9.27 24.57 3.13
CA HIS D 203 8.85 23.18 3.32
C HIS D 203 9.71 22.57 4.41
N PRO D 204 9.29 22.67 5.67
CA PRO D 204 10.17 22.25 6.80
C PRO D 204 10.67 20.80 6.73
N ALA D 205 9.89 19.85 6.25
CA ALA D 205 10.33 18.45 6.27
C ALA D 205 11.55 18.22 5.39
N SER D 206 11.67 18.95 4.28
CA SER D 206 12.87 18.87 3.46
C SER D 206 13.76 20.07 3.62
N SER D 207 13.39 21.00 4.51
CA SER D 207 14.20 22.18 4.79
C SER D 207 14.60 22.91 3.49
N THR D 208 13.58 23.30 2.72
CA THR D 208 13.78 24.06 1.49
C THR D 208 13.00 25.35 1.60
N LYS D 209 13.59 26.44 1.09
CA LYS D 209 12.94 27.75 1.02
C LYS D 209 13.08 28.33 -0.39
N VAL D 210 11.99 28.88 -0.90
CA VAL D 210 11.97 29.54 -2.21
C VAL D 210 11.32 30.92 -2.06
N ASP D 211 12.00 31.95 -2.57
CA ASP D 211 11.43 33.28 -2.71
C ASP D 211 11.21 33.45 -4.20
N LYS D 212 9.96 33.45 -4.63
CA LYS D 212 9.64 33.54 -6.05
C LYS D 212 9.04 34.91 -6.36
N LYS D 213 9.80 35.73 -7.08
CA LYS D 213 9.31 37.04 -7.47
C LYS D 213 8.37 36.89 -8.66
N ILE D 214 7.22 37.57 -8.61
CA ILE D 214 6.27 37.54 -9.72
C ILE D 214 6.62 38.67 -10.70
N VAL D 215 7.00 38.31 -11.92
CA VAL D 215 7.38 39.30 -12.93
C VAL D 215 6.34 39.31 -14.05
N PRO D 216 6.10 40.46 -14.69
CA PRO D 216 5.20 40.48 -15.85
C PRO D 216 5.73 39.61 -16.99
N ARG D 217 4.84 39.27 -17.91
CA ARG D 217 5.07 38.13 -18.78
C ARG D 217 5.79 38.44 -20.10
N ASP D 218 5.60 39.63 -20.68
CA ASP D 218 6.16 39.86 -22.02
C ASP D 218 7.50 40.61 -21.99
N GLY E 1 -11.97 3.26 37.24
CA GLY E 1 -13.14 2.55 36.76
C GLY E 1 -13.67 1.45 37.67
N ILE E 2 -14.39 0.49 37.05
CA ILE E 2 -15.18 -0.47 37.82
C ILE E 2 -14.28 -1.34 38.69
N VAL E 3 -13.15 -1.80 38.14
CA VAL E 3 -12.23 -2.65 38.90
C VAL E 3 -11.60 -1.85 40.03
N GLU E 4 -11.29 -0.58 39.79
CA GLU E 4 -10.71 0.25 40.85
C GLU E 4 -11.72 0.54 41.97
N GLN E 5 -13.01 0.54 41.65
CA GLN E 5 -14.01 1.14 42.51
C GLN E 5 -14.90 0.13 43.23
N CYS E 6 -15.16 -1.03 42.65
CA CYS E 6 -16.18 -1.93 43.15
C CYS E 6 -15.66 -3.35 43.25
N CYS E 7 -14.39 -3.53 43.60
CA CYS E 7 -13.79 -4.86 43.61
C CYS E 7 -13.09 -5.21 44.92
N THR E 8 -12.52 -4.20 45.58
CA THR E 8 -12.12 -4.32 46.98
C THR E 8 -13.31 -4.10 47.92
N SER E 9 -14.40 -3.54 47.41
CA SER E 9 -15.50 -3.22 48.29
C SER E 9 -16.79 -3.40 47.50
N ILE E 10 -17.88 -3.63 48.22
CA ILE E 10 -19.18 -3.83 47.61
C ILE E 10 -19.72 -2.47 47.20
N CYS E 11 -20.13 -2.35 45.95
CA CYS E 11 -20.77 -1.13 45.48
C CYS E 11 -22.28 -1.32 45.55
N SER E 12 -23.01 -0.22 45.71
CA SER E 12 -24.44 -0.38 45.85
C SER E 12 -25.01 -0.76 44.50
N LEU E 13 -26.26 -1.19 44.50
CA LEU E 13 -26.83 -1.66 43.25
C LEU E 13 -27.22 -0.50 42.36
N TYR E 14 -27.61 0.64 42.93
CA TYR E 14 -27.71 1.86 42.13
C TYR E 14 -26.38 2.19 41.44
N GLN E 15 -25.28 2.14 42.19
CA GLN E 15 -23.96 2.42 41.65
C GLN E 15 -23.63 1.49 40.48
N LEU E 16 -23.67 0.17 40.72
CA LEU E 16 -23.36 -0.77 39.65
C LEU E 16 -24.20 -0.51 38.41
N GLU E 17 -25.47 -0.14 38.63
CA GLU E 17 -26.41 0.11 37.54
C GLU E 17 -25.86 1.14 36.56
N ASN E 18 -25.15 2.14 37.08
CA ASN E 18 -24.58 3.21 36.26
C ASN E 18 -23.48 2.74 35.33
N TYR E 19 -22.93 1.54 35.55
CA TYR E 19 -21.89 0.97 34.70
C TYR E 19 -22.46 0.15 33.55
N CYS E 20 -23.78 0.05 33.44
CA CYS E 20 -24.38 -0.85 32.48
C CYS E 20 -24.36 -0.24 31.07
N ASN E 21 -24.59 -1.09 30.07
CA ASN E 21 -24.74 -0.60 28.71
C ASN E 21 -26.23 -0.30 28.50
N VAL F 2 -14.62 -18.49 32.33
CA VAL F 2 -14.70 -17.33 33.23
C VAL F 2 -15.38 -17.77 34.54
N ASN F 3 -15.07 -18.99 35.00
CA ASN F 3 -15.84 -19.56 36.10
C ASN F 3 -15.51 -18.89 37.43
N GLN F 4 -14.23 -18.79 37.76
CA GLN F 4 -13.84 -18.22 39.05
C GLN F 4 -13.99 -16.70 39.06
N HIS F 5 -14.07 -16.16 40.27
CA HIS F 5 -14.19 -14.71 40.40
C HIS F 5 -12.85 -14.13 40.84
N LEU F 6 -12.60 -12.91 40.41
CA LEU F 6 -11.41 -12.19 40.83
C LEU F 6 -11.65 -11.36 42.08
N CYS F 7 -12.88 -10.89 42.29
CA CYS F 7 -13.14 -9.89 43.29
C CYS F 7 -13.90 -10.49 44.47
N GLY F 8 -13.47 -10.09 45.66
CA GLY F 8 -14.17 -10.47 46.86
C GLY F 8 -15.56 -9.91 46.91
N SER F 9 -15.81 -8.83 46.16
CA SER F 9 -17.12 -8.24 46.03
C SER F 9 -18.01 -9.05 45.11
N HIS F 10 -17.42 -10.00 44.37
CA HIS F 10 -18.13 -10.77 43.34
C HIS F 10 -18.71 -9.82 42.29
N LEU F 11 -17.83 -8.95 41.76
CA LEU F 11 -18.25 -7.87 40.87
C LEU F 11 -18.95 -8.43 39.63
N VAL F 12 -18.32 -9.42 38.98
CA VAL F 12 -18.85 -9.92 37.71
C VAL F 12 -20.22 -10.54 37.92
N GLU F 13 -20.36 -11.43 38.91
CA GLU F 13 -21.67 -12.02 39.18
C GLU F 13 -22.71 -10.96 39.48
N ALA F 14 -22.35 -9.96 40.28
CA ALA F 14 -23.29 -8.89 40.59
C ALA F 14 -23.68 -8.12 39.34
N LEU F 15 -22.75 -7.97 38.38
CA LEU F 15 -23.04 -7.21 37.15
C LEU F 15 -23.93 -7.99 36.20
N TYR F 16 -23.72 -9.31 36.11
CA TYR F 16 -24.61 -10.16 35.33
C TYR F 16 -26.08 -10.01 35.76
N LEU F 17 -26.35 -9.80 37.05
CA LEU F 17 -27.72 -9.55 37.46
C LEU F 17 -28.16 -8.10 37.30
N VAL F 18 -27.27 -7.12 37.52
CA VAL F 18 -27.73 -5.73 37.44
C VAL F 18 -27.93 -5.28 35.99
N CYS F 19 -27.15 -5.82 35.06
CA CYS F 19 -27.24 -5.38 33.68
C CYS F 19 -27.83 -6.43 32.74
N GLY F 20 -27.78 -7.71 33.10
CA GLY F 20 -28.22 -8.70 32.15
C GLY F 20 -27.36 -8.68 30.91
N GLU F 21 -27.98 -8.92 29.76
CA GLU F 21 -27.25 -9.05 28.50
C GLU F 21 -26.76 -7.72 27.96
N ARG F 22 -27.30 -6.60 28.46
CA ARG F 22 -26.73 -5.29 28.15
C ARG F 22 -25.22 -5.30 28.37
N GLY F 23 -24.77 -5.93 29.44
CA GLY F 23 -23.38 -5.88 29.83
C GLY F 23 -23.04 -4.58 30.55
N PHE F 24 -21.75 -4.39 30.74
CA PHE F 24 -21.27 -3.23 31.48
C PHE F 24 -20.08 -2.62 30.77
N PHE F 25 -19.82 -1.35 31.07
CA PHE F 25 -18.56 -0.74 30.73
C PHE F 25 -17.87 -0.30 32.03
N TYR F 26 -16.56 -0.06 31.94
CA TYR F 26 -15.79 0.19 33.16
C TYR F 26 -16.00 1.60 33.74
N THR F 27 -16.68 2.50 33.03
CA THR F 27 -16.84 3.87 33.51
C THR F 27 -18.32 4.19 33.68
N PRO F 28 -18.74 4.69 34.83
CA PRO F 28 -20.17 4.93 35.04
C PRO F 28 -20.64 6.12 34.23
N LYS F 29 -21.92 6.09 33.85
CA LYS F 29 -22.52 7.17 33.07
C LYS F 29 -23.04 8.29 33.94
N ALA F 30 -23.21 8.02 35.23
CA ALA F 30 -23.83 8.97 36.12
C ALA F 30 -23.21 8.81 37.51
N GLY G 1 12.32 -3.32 -36.19
CA GLY G 1 12.04 -4.59 -36.84
C GLY G 1 12.00 -4.41 -38.35
N ILE G 2 11.30 -5.32 -39.04
CA ILE G 2 11.34 -5.36 -40.49
C ILE G 2 10.71 -4.11 -41.11
N VAL G 3 9.63 -3.60 -40.51
CA VAL G 3 8.95 -2.42 -41.04
C VAL G 3 9.85 -1.20 -40.96
N GLU G 4 10.60 -1.08 -39.87
CA GLU G 4 11.52 0.03 -39.73
C GLU G 4 12.72 -0.10 -40.67
N GLN G 5 13.01 -1.31 -41.14
CA GLN G 5 14.24 -1.62 -41.81
C GLN G 5 14.09 -1.89 -43.32
N CYS G 6 12.95 -2.41 -43.77
CA CYS G 6 12.87 -2.88 -45.16
C CYS G 6 11.64 -2.34 -45.87
N CYS G 7 11.27 -1.12 -45.55
CA CYS G 7 10.02 -0.60 -46.05
C CYS G 7 10.14 0.77 -46.67
N THR G 8 11.08 1.59 -46.16
CA THR G 8 11.50 2.80 -46.83
C THR G 8 12.56 2.53 -47.88
N SER G 9 13.19 1.36 -47.83
CA SER G 9 14.24 0.99 -48.76
C SER G 9 14.14 -0.51 -49.00
N ILE G 10 14.69 -0.95 -50.13
CA ILE G 10 14.67 -2.37 -50.48
C ILE G 10 15.78 -3.08 -49.72
N CYS G 11 15.42 -4.17 -49.03
CA CYS G 11 16.40 -5.05 -48.41
C CYS G 11 16.71 -6.20 -49.36
N SER G 12 17.92 -6.73 -49.26
CA SER G 12 18.36 -7.75 -50.19
C SER G 12 17.60 -9.05 -49.92
N LEU G 13 17.80 -10.04 -50.80
CA LEU G 13 17.08 -11.29 -50.56
C LEU G 13 17.72 -12.06 -49.42
N TYR G 14 19.04 -11.94 -49.26
CA TYR G 14 19.73 -12.44 -48.07
C TYR G 14 19.15 -11.83 -46.81
N GLN G 15 18.98 -10.50 -46.79
CA GLN G 15 18.41 -9.84 -45.62
C GLN G 15 17.02 -10.37 -45.31
N LEU G 16 16.10 -10.26 -46.28
CA LEU G 16 14.73 -10.72 -46.06
C LEU G 16 14.69 -12.16 -45.55
N GLU G 17 15.60 -13.00 -46.05
CA GLU G 17 15.63 -14.40 -45.63
C GLU G 17 15.76 -14.53 -44.12
N ASN G 18 16.51 -13.63 -43.49
CA ASN G 18 16.75 -13.70 -42.06
C ASN G 18 15.50 -13.44 -41.24
N TYR G 19 14.44 -12.86 -41.84
CA TYR G 19 13.20 -12.57 -41.11
C TYR G 19 12.20 -13.70 -41.21
N CYS G 20 12.52 -14.76 -41.95
CA CYS G 20 11.54 -15.80 -42.20
C CYS G 20 11.38 -16.67 -40.95
N ASN G 21 10.27 -17.41 -40.92
CA ASN G 21 10.03 -18.39 -39.89
C ASN G 21 10.60 -19.72 -40.38
N ASN H 3 -6.05 -5.33 -50.54
CA ASN H 3 -5.03 -5.99 -51.36
C ASN H 3 -3.79 -5.12 -51.52
N GLN H 4 -3.98 -3.80 -51.55
CA GLN H 4 -2.88 -2.90 -51.86
C GLN H 4 -1.81 -2.94 -50.79
N HIS H 5 -0.62 -2.47 -51.17
CA HIS H 5 0.58 -2.57 -50.38
C HIS H 5 0.83 -1.26 -49.64
N LEU H 6 1.53 -1.38 -48.51
CA LEU H 6 1.88 -0.24 -47.69
C LEU H 6 3.25 0.34 -47.99
N CYS H 7 4.21 -0.49 -48.38
CA CYS H 7 5.62 -0.12 -48.45
C CYS H 7 6.02 0.07 -49.90
N GLY H 8 6.82 1.12 -50.14
CA GLY H 8 7.29 1.36 -51.49
C GLY H 8 8.19 0.25 -51.98
N SER H 9 8.82 -0.46 -51.04
CA SER H 9 9.68 -1.61 -51.29
C SER H 9 8.90 -2.84 -51.68
N HIS H 10 7.58 -2.84 -51.54
CA HIS H 10 6.75 -4.02 -51.76
C HIS H 10 7.18 -5.15 -50.81
N LEU H 11 7.21 -4.81 -49.50
CA LEU H 11 7.76 -5.73 -48.52
C LEU H 11 6.97 -7.02 -48.45
N VAL H 12 5.64 -6.91 -48.35
CA VAL H 12 4.80 -8.10 -48.14
C VAL H 12 4.94 -9.04 -49.31
N GLU H 13 4.82 -8.53 -50.54
CA GLU H 13 5.01 -9.38 -51.70
C GLU H 13 6.39 -10.02 -51.69
N ALA H 14 7.42 -9.24 -51.32
CA ALA H 14 8.77 -9.75 -51.30
C ALA H 14 8.94 -10.87 -50.27
N LEU H 15 8.25 -10.78 -49.12
CA LEU H 15 8.40 -11.83 -48.12
C LEU H 15 7.65 -13.09 -48.51
N TYR H 16 6.46 -12.94 -49.09
CA TYR H 16 5.72 -14.08 -49.63
C TYR H 16 6.56 -14.92 -50.59
N LEU H 17 7.44 -14.28 -51.38
CA LEU H 17 8.31 -15.07 -52.25
C LEU H 17 9.50 -15.65 -51.50
N VAL H 18 10.07 -14.91 -50.55
CA VAL H 18 11.27 -15.40 -49.88
C VAL H 18 10.92 -16.46 -48.84
N CYS H 19 9.77 -16.36 -48.19
CA CYS H 19 9.51 -17.31 -47.13
C CYS H 19 8.39 -18.30 -47.44
N GLY H 20 7.46 -17.95 -48.33
CA GLY H 20 6.38 -18.85 -48.63
C GLY H 20 5.50 -19.09 -47.42
N GLU H 21 5.03 -20.33 -47.29
CA GLU H 21 4.09 -20.69 -46.24
C GLU H 21 4.71 -20.71 -44.86
N ARG H 22 6.05 -20.69 -44.76
CA ARG H 22 6.71 -20.40 -43.49
C ARG H 22 6.19 -19.11 -42.88
N GLY H 23 5.97 -18.08 -43.70
CA GLY H 23 5.69 -16.76 -43.17
C GLY H 23 6.96 -16.10 -42.68
N PHE H 24 6.78 -14.97 -42.01
CA PHE H 24 7.92 -14.21 -41.51
C PHE H 24 7.62 -13.72 -40.09
N PHE H 25 8.68 -13.33 -39.39
CA PHE H 25 8.56 -12.54 -38.17
C PHE H 25 9.18 -11.16 -38.36
N TYR H 26 8.84 -10.24 -37.46
CA TYR H 26 9.35 -8.87 -37.64
C TYR H 26 10.80 -8.71 -37.22
N THR H 27 11.41 -9.71 -36.58
CA THR H 27 12.76 -9.59 -36.06
C THR H 27 13.65 -10.63 -36.69
N PRO H 28 14.78 -10.24 -37.27
CA PRO H 28 15.61 -11.23 -37.96
C PRO H 28 16.31 -12.12 -36.96
N LYS H 29 16.57 -13.36 -37.39
CA LYS H 29 17.27 -14.34 -36.55
C LYS H 29 18.78 -14.27 -36.70
N ALA H 30 19.28 -13.50 -37.67
CA ALA H 30 20.71 -13.39 -37.90
C ALA H 30 20.97 -11.99 -38.47
MG MG I . -15.28 -10.88 40.07
MG MG J . 4.05 -3.91 -48.53
#